data_7RCO
#
_entry.id   7RCO
#
_cell.length_a   60.154
_cell.length_b   103.479
_cell.length_c   196.253
_cell.angle_alpha   90.000
_cell.angle_beta   90.000
_cell.angle_gamma   90.000
#
_symmetry.space_group_name_H-M   'P 2 21 21'
#
loop_
_entity.id
_entity.type
_entity.pdbx_description
1 polymer 'Transforming growth factor beta-2'
2 polymer '4A11.V2 Fab Light Chain'
3 polymer '4A11.V2 Fab Heavy Chain'
4 water water
#
loop_
_entity_poly.entity_id
_entity_poly.type
_entity_poly.pdbx_seq_one_letter_code
_entity_poly.pdbx_strand_id
1 'polypeptide(L)'
;ALDAAYCFRNVQDNCCLRPLYIDFKRDLGWKWIHEPKGYNANFCAGACPYLWSSDTQHSRVLSLYNTINPEASASPCCVS
QDLEPLTILYYIGKTPKIEQLSNMIVKSCKCS
;
A,B
2 'polypeptide(L)'
;DAQLTQSPSSLSASVGDRVTITCQSSQSVYNNNYLSWFQQKPGKPPKLLIYGASTLTSGVPSRFSGSGSGTDFTLTISSL
QPEDFATYYCAGGYSGSSDKYAFGGGTKVEIKRTVAAPSVFIFPPSDEQLKSGTASVVCLLNNFYPREAKVQWKVDNALQ
SGNSQESVTEQDSKDSTYSLSSTLTLSKADYEKHKVYACEVTHQGLSSPVTKSFNRGEC
;
C,E
3 'polypeptide(L)'
;EQQLVESGGGLVQPGGSLRLSCAVSGFSLSSYTVNWVRQAPGKGLEWIGYISYGGSAYYASWANGRFTISKDSAKNSVYL
QMNSLRAEDTAVYFCARHMQVGGAPTGSMAAFDPWGPGTLVTVSSASTKGPSVFPLAPSSKSTSGGTAALGCLVKDYFPE
PVTVSWNSGALTSGVHTFPAVLQSSGLYSLSSVVTVPSSSLGTQTYICNVNHKPSNTKVDKKVEPKSCDKTHT
;
D,F
#
# COMPACT_ATOMS: atom_id res chain seq x y z
N ALA A 1 -8.29 7.93 36.66
CA ALA A 1 -8.09 9.35 36.39
C ALA A 1 -6.71 9.62 35.75
N LEU A 2 -6.73 10.28 34.59
CA LEU A 2 -5.51 10.52 33.80
C LEU A 2 -4.96 11.91 34.10
N ASP A 3 -4.42 12.07 35.31
CA ASP A 3 -3.92 13.37 35.74
C ASP A 3 -2.41 13.38 35.62
N ALA A 4 -1.80 14.50 36.04
CA ALA A 4 -0.35 14.65 35.90
C ALA A 4 0.40 13.56 36.66
N ALA A 5 -0.16 13.10 37.79
CA ALA A 5 0.54 12.15 38.64
C ALA A 5 0.59 10.75 38.03
N TYR A 6 -0.52 10.28 37.44
CA TYR A 6 -0.52 8.94 36.87
C TYR A 6 0.26 8.89 35.57
N CYS A 7 -0.01 9.84 34.68
CA CYS A 7 0.42 9.71 33.30
C CYS A 7 1.91 9.91 33.13
N PHE A 8 2.49 10.87 33.86
CA PHE A 8 3.93 11.11 33.78
C PHE A 8 4.72 9.92 34.29
N ARG A 9 4.29 9.32 35.42
CA ARG A 9 4.93 8.14 35.98
C ARG A 9 5.26 7.09 34.91
N ASN A 10 4.25 6.69 34.15
CA ASN A 10 4.40 5.65 33.12
C ASN A 10 3.97 6.23 31.78
N VAL A 11 4.94 6.43 30.89
CA VAL A 11 4.70 6.94 29.55
C VAL A 11 3.95 5.84 28.77
N GLN A 12 2.64 6.03 28.65
CA GLN A 12 1.74 5.09 27.98
C GLN A 12 1.33 5.65 26.61
N ASP A 13 1.02 4.74 25.66
CA ASP A 13 0.46 5.21 24.38
C ASP A 13 -1.07 5.37 24.42
N ASN A 14 -1.76 4.77 25.41
CA ASN A 14 -3.18 5.02 25.59
C ASN A 14 -3.40 6.44 26.09
N CYS A 15 -4.66 6.88 26.06
CA CYS A 15 -4.97 8.29 26.33
C CYS A 15 -4.28 8.74 27.61
N CYS A 16 -3.66 9.93 27.57
CA CYS A 16 -2.98 10.43 28.76
C CYS A 16 -2.70 11.92 28.69
N LEU A 17 -2.36 12.46 29.85
CA LEU A 17 -1.72 13.76 29.86
C LEU A 17 -0.33 13.64 29.27
N ARG A 18 0.16 14.73 28.68
CA ARG A 18 1.45 14.80 28.01
C ARG A 18 2.06 16.16 28.27
N PRO A 19 3.36 16.19 28.58
CA PRO A 19 3.99 17.44 28.99
C PRO A 19 4.26 18.31 27.76
N LEU A 20 3.94 19.59 27.87
CA LEU A 20 4.28 20.54 26.84
C LEU A 20 4.52 21.89 27.49
N TYR A 21 5.77 22.29 27.57
CA TYR A 21 6.10 23.64 27.99
C TYR A 21 5.92 24.56 26.79
N ILE A 22 5.59 25.83 27.06
CA ILE A 22 5.30 26.81 26.02
C ILE A 22 5.85 28.15 26.44
N ASP A 23 6.72 28.74 25.63
CA ASP A 23 7.27 30.06 25.85
C ASP A 23 6.41 31.11 25.14
N PHE A 24 5.98 32.14 25.88
CA PHE A 24 4.97 33.06 25.36
C PHE A 24 5.47 33.79 24.12
N LYS A 25 6.57 34.53 24.26
CA LYS A 25 7.07 35.29 23.12
C LYS A 25 7.59 34.36 22.02
N ARG A 26 8.29 33.29 22.38
CA ARG A 26 8.95 32.43 21.41
C ARG A 26 7.99 31.54 20.62
N ASP A 27 6.85 31.18 21.19
CA ASP A 27 5.99 30.19 20.57
C ASP A 27 4.59 30.66 20.25
N LEU A 28 4.11 31.76 20.83
CA LEU A 28 2.82 32.31 20.46
C LEU A 28 2.88 33.75 20.01
N GLY A 29 4.00 34.44 20.22
CA GLY A 29 4.07 35.83 19.81
C GLY A 29 3.41 36.78 20.79
N TRP A 30 3.37 36.40 22.05
CA TRP A 30 2.77 37.20 23.12
C TRP A 30 3.90 37.92 23.85
N LYS A 31 4.17 39.14 23.43
CA LYS A 31 5.27 39.91 23.98
C LYS A 31 4.88 40.72 25.20
N TRP A 32 3.60 40.69 25.60
CA TRP A 32 3.13 41.61 26.64
C TRP A 32 3.17 41.00 28.04
N ILE A 33 3.15 39.67 28.18
CA ILE A 33 3.41 39.09 29.48
C ILE A 33 4.81 39.47 29.91
N HIS A 34 4.93 40.20 31.02
CA HIS A 34 6.26 40.44 31.59
C HIS A 34 6.82 39.16 32.18
N GLU A 35 5.99 38.38 32.84
CA GLU A 35 6.49 37.21 33.54
C GLU A 35 5.29 36.32 33.86
N PRO A 36 5.40 34.98 33.79
CA PRO A 36 6.55 34.14 33.44
C PRO A 36 6.90 34.10 31.94
N LYS A 37 8.04 33.48 31.61
CA LYS A 37 8.51 33.43 30.23
C LYS A 37 7.89 32.29 29.45
N GLY A 38 7.44 31.24 30.15
CA GLY A 38 6.72 30.13 29.57
C GLY A 38 6.00 29.39 30.67
N TYR A 39 5.48 28.21 30.34
CA TYR A 39 4.74 27.42 31.32
C TYR A 39 4.36 26.07 30.73
N ASN A 40 4.21 25.10 31.60
CA ASN A 40 3.85 23.81 31.17
C ASN A 40 2.40 23.79 30.93
N ALA A 41 1.98 23.78 29.70
CA ALA A 41 0.56 23.81 29.45
C ALA A 41 -0.10 22.52 29.42
N ASN A 42 0.57 21.57 28.80
CA ASN A 42 0.19 20.20 28.56
C ASN A 42 -0.88 19.96 27.60
N PHE A 43 -1.00 18.73 27.21
CA PHE A 43 -2.07 18.38 26.32
C PHE A 43 -2.47 16.98 26.52
N CYS A 44 -3.46 16.58 25.81
CA CYS A 44 -4.04 15.26 25.95
C CYS A 44 -3.85 14.46 24.68
N ALA A 45 -3.41 13.21 24.80
CA ALA A 45 -3.17 12.44 23.59
C ALA A 45 -2.99 10.95 23.88
N GLY A 46 -3.41 10.13 22.92
CA GLY A 46 -3.18 8.70 23.02
C GLY A 46 -4.36 7.87 22.54
N ALA A 47 -4.18 6.56 22.46
CA ALA A 47 -5.24 5.71 21.94
C ALA A 47 -6.40 5.66 22.92
N CYS A 48 -7.61 5.65 22.37
CA CYS A 48 -8.79 5.38 23.17
C CYS A 48 -9.47 4.14 22.60
N PRO A 49 -9.40 2.99 23.29
CA PRO A 49 -10.15 1.80 22.86
C PRO A 49 -11.56 1.78 23.41
N TYR A 50 -12.36 0.78 23.02
CA TYR A 50 -13.76 0.67 23.46
C TYR A 50 -13.83 0.68 25.02
N TRP A 52 -13.16 3.36 26.71
CA TRP A 52 -13.95 4.55 27.04
C TRP A 52 -13.71 4.99 28.48
N SER A 53 -13.44 6.30 28.63
CA SER A 53 -13.38 6.95 29.94
C SER A 53 -14.81 7.33 30.27
N SER A 54 -15.38 6.58 31.22
CA SER A 54 -16.79 6.70 31.61
C SER A 54 -16.97 7.67 32.78
N ASP A 55 -16.50 8.89 32.54
CA ASP A 55 -16.77 10.06 33.37
C ASP A 55 -17.69 10.96 32.55
N THR A 56 -18.94 11.09 33.03
CA THR A 56 -20.19 11.47 32.36
C THR A 56 -20.91 10.21 31.88
N GLN A 57 -22.22 10.18 32.09
CA GLN A 57 -23.01 9.00 31.75
C GLN A 57 -23.13 8.80 30.25
N HIS A 58 -23.03 9.88 29.45
CA HIS A 58 -23.16 9.77 28.00
C HIS A 58 -22.09 8.85 27.43
N SER A 59 -20.84 9.04 27.85
CA SER A 59 -19.79 8.21 27.26
C SER A 59 -19.98 6.74 27.63
N ARG A 60 -20.52 6.46 28.82
CA ARG A 60 -20.92 5.09 29.17
C ARG A 60 -21.98 4.56 28.21
N VAL A 61 -23.01 5.38 27.97
CA VAL A 61 -24.08 4.94 27.10
C VAL A 61 -23.54 4.60 25.72
N LEU A 62 -22.66 5.45 25.16
CA LEU A 62 -22.11 5.19 23.83
C LEU A 62 -21.21 3.96 23.84
N SER A 63 -20.37 3.82 24.87
CA SER A 63 -19.49 2.66 24.99
C SER A 63 -20.28 1.36 24.91
N LEU A 64 -21.40 1.32 25.63
CA LEU A 64 -22.27 0.15 25.68
C LEU A 64 -23.06 -0.05 24.39
N TYR A 65 -23.59 1.05 23.86
CA TYR A 65 -24.35 1.00 22.62
C TYR A 65 -23.53 0.36 21.53
N ASN A 66 -22.27 0.78 21.41
CA ASN A 66 -21.43 0.23 20.37
C ASN A 66 -21.20 -1.27 20.54
N THR A 67 -21.27 -1.78 21.77
CA THR A 67 -21.15 -3.22 21.99
C THR A 67 -22.44 -3.94 21.58
N ILE A 68 -23.59 -3.48 22.07
CA ILE A 68 -24.81 -4.22 21.81
C ILE A 68 -25.40 -3.87 20.44
N ASN A 69 -25.12 -2.70 19.94
CA ASN A 69 -25.77 -2.54 18.66
C ASN A 69 -24.87 -3.07 17.55
N PRO A 70 -25.42 -3.71 16.52
CA PRO A 70 -24.56 -4.16 15.42
C PRO A 70 -23.89 -3.01 14.71
N GLU A 71 -24.48 -1.82 14.71
CA GLU A 71 -23.94 -0.68 14.00
C GLU A 71 -23.56 0.39 15.02
N ALA A 72 -22.29 0.39 15.38
CA ALA A 72 -21.77 1.28 16.41
C ALA A 72 -21.77 2.74 15.93
N SER A 73 -21.74 3.66 16.90
CA SER A 73 -21.74 5.08 16.59
C SER A 73 -20.33 5.69 16.65
N ALA A 74 -20.15 6.70 17.51
CA ALA A 74 -18.89 7.40 17.63
C ALA A 74 -17.79 6.50 18.16
N SER A 75 -16.54 6.90 17.86
CA SER A 75 -15.35 6.39 18.54
C SER A 75 -14.86 7.44 19.53
N PRO A 76 -14.22 7.03 20.62
CA PRO A 76 -13.73 8.02 21.59
C PRO A 76 -12.47 8.73 21.09
N CYS A 77 -12.09 9.76 21.84
CA CYS A 77 -10.96 10.58 21.49
C CYS A 77 -10.42 11.20 22.77
N CYS A 78 -9.10 11.30 22.86
CA CYS A 78 -8.40 11.75 24.07
C CYS A 78 -8.35 13.26 24.11
N VAL A 79 -9.14 13.86 24.99
CA VAL A 79 -9.31 15.31 24.98
C VAL A 79 -9.17 15.86 26.39
N SER A 80 -8.88 17.15 26.44
CA SER A 80 -8.82 17.89 27.69
C SER A 80 -10.02 17.55 28.57
N GLN A 81 -9.83 17.63 29.89
CA GLN A 81 -10.97 17.49 30.78
C GLN A 81 -11.05 18.64 31.77
N ASP A 82 -10.11 18.70 32.71
CA ASP A 82 -10.11 19.74 33.74
C ASP A 82 -9.02 20.74 33.44
N LEU A 83 -9.38 22.01 33.46
CA LEU A 83 -8.45 23.09 33.16
C LEU A 83 -8.35 24.01 34.36
N GLU A 84 -7.14 24.47 34.64
CA GLU A 84 -6.88 25.35 35.77
C GLU A 84 -6.20 26.62 35.27
N PRO A 85 -6.40 27.74 35.92
CA PRO A 85 -5.83 28.98 35.38
C PRO A 85 -4.33 29.07 35.51
N LEU A 86 -3.76 30.19 35.12
CA LEU A 86 -2.35 30.48 35.36
C LEU A 86 -2.21 31.95 35.71
N THR A 87 -1.31 32.26 36.65
CA THR A 87 -1.17 33.62 37.15
C THR A 87 -0.04 34.34 36.42
N ILE A 88 -0.36 35.47 35.80
CA ILE A 88 0.61 36.14 34.93
C ILE A 88 1.09 37.45 35.55
N LEU A 89 1.69 38.32 34.73
CA LEU A 89 2.14 39.62 35.15
C LEU A 89 2.56 40.39 33.90
N TYR A 90 2.10 41.64 33.82
CA TYR A 90 2.27 42.51 32.67
C TYR A 90 2.21 43.94 33.18
N TYR A 91 2.69 44.90 32.36
CA TYR A 91 2.77 46.31 32.77
C TYR A 91 2.41 47.30 31.66
N ILE A 92 1.66 46.90 30.63
CA ILE A 92 1.19 47.81 29.58
C ILE A 92 0.34 48.90 30.21
N GLY A 93 1.00 49.88 30.83
CA GLY A 93 0.34 50.88 31.66
C GLY A 93 1.25 51.32 32.79
N LYS A 94 2.54 51.00 32.64
CA LYS A 94 3.61 51.40 33.57
C LYS A 94 3.37 51.04 35.04
N THR A 95 2.38 50.21 35.36
CA THR A 95 2.21 49.80 36.76
C THR A 95 1.90 48.29 36.81
N PRO A 96 2.45 47.56 37.77
CA PRO A 96 2.36 46.09 37.78
C PRO A 96 0.92 45.57 37.89
N LYS A 97 0.52 44.78 36.88
CA LYS A 97 -0.75 44.07 36.84
C LYS A 97 -0.54 42.59 37.11
N ILE A 98 -1.56 41.93 37.68
CA ILE A 98 -1.47 40.49 37.88
C ILE A 98 -2.87 39.88 37.95
N GLU A 99 -3.30 39.35 36.81
CA GLU A 99 -4.57 38.65 36.63
C GLU A 99 -4.34 37.13 36.78
N GLN A 100 -5.44 36.39 36.80
CA GLN A 100 -5.42 34.94 36.59
C GLN A 100 -5.98 34.64 35.20
N LEU A 101 -5.19 33.95 34.38
CA LEU A 101 -5.58 33.57 33.02
C LEU A 101 -6.27 32.22 33.06
N SER A 102 -7.58 32.20 32.82
CA SER A 102 -8.36 31.00 33.05
C SER A 102 -8.22 30.06 31.88
N ASN A 103 -8.20 28.75 32.20
CA ASN A 103 -8.22 27.68 31.20
C ASN A 103 -6.96 27.69 30.34
N MET A 104 -5.80 27.75 31.01
CA MET A 104 -4.51 27.78 30.36
C MET A 104 -3.72 26.51 30.52
N ILE A 105 -3.96 25.75 31.58
CA ILE A 105 -3.29 24.48 31.79
C ILE A 105 -4.34 23.38 31.72
N VAL A 106 -3.95 22.21 31.20
CA VAL A 106 -4.79 21.02 31.26
C VAL A 106 -4.19 20.11 32.32
N LYS A 107 -5.01 19.72 33.31
CA LYS A 107 -4.52 18.92 34.43
C LYS A 107 -4.96 17.48 34.36
N SER A 108 -5.89 17.16 33.47
CA SER A 108 -6.42 15.81 33.36
C SER A 108 -6.91 15.62 31.92
N CYS A 109 -7.16 14.37 31.57
CA CYS A 109 -7.64 14.06 30.24
C CYS A 109 -8.73 13.01 30.37
N LYS A 110 -9.57 12.92 29.34
CA LYS A 110 -10.63 11.94 29.28
C LYS A 110 -10.75 11.42 27.86
N CYS A 111 -11.15 10.16 27.72
CA CYS A 111 -11.61 9.65 26.43
C CYS A 111 -13.08 9.99 26.29
N SER A 112 -13.46 10.62 25.17
CA SER A 112 -14.85 11.05 24.99
C SER A 112 -15.14 11.32 23.51
N ALA B 1 -23.16 27.93 15.97
CA ALA B 1 -22.98 26.94 17.04
C ALA B 1 -23.41 25.58 16.57
N LEU B 2 -22.74 24.54 17.08
CA LEU B 2 -22.90 23.17 16.57
C LEU B 2 -24.00 22.46 17.35
N ASP B 3 -25.22 22.90 17.13
CA ASP B 3 -26.37 22.41 17.85
C ASP B 3 -27.30 21.69 16.88
N ALA B 4 -28.39 21.17 17.42
CA ALA B 4 -29.41 20.60 16.55
C ALA B 4 -29.96 21.66 15.62
N ALA B 5 -30.09 22.90 16.10
CA ALA B 5 -30.73 23.95 15.30
C ALA B 5 -30.04 24.09 13.96
N TYR B 6 -28.74 23.98 13.95
CA TYR B 6 -27.98 24.08 12.72
C TYR B 6 -27.70 22.71 12.08
N CYS B 7 -27.23 21.72 12.84
CA CYS B 7 -26.66 20.52 12.22
C CYS B 7 -27.68 19.52 11.66
N PHE B 8 -28.94 19.54 12.08
CA PHE B 8 -29.87 18.50 11.64
C PHE B 8 -30.61 18.87 10.38
N ARG B 9 -30.64 20.14 10.04
CA ARG B 9 -31.24 20.56 8.79
C ARG B 9 -30.21 20.68 7.66
N ASN B 10 -28.93 20.76 7.97
CA ASN B 10 -27.90 21.04 6.98
C ASN B 10 -26.95 19.87 6.84
N VAL B 11 -26.57 19.56 5.61
CA VAL B 11 -25.66 18.46 5.36
C VAL B 11 -24.23 18.94 5.57
N GLN B 12 -23.52 18.31 6.50
CA GLN B 12 -22.16 18.72 6.83
C GLN B 12 -21.31 17.50 7.20
N ASP B 13 -20.04 17.52 6.76
CA ASP B 13 -19.09 16.46 7.05
C ASP B 13 -18.04 16.88 8.07
N ASN B 14 -17.87 18.18 8.32
CA ASN B 14 -17.11 18.70 9.44
C ASN B 14 -17.77 18.27 10.76
N CYS B 15 -17.08 18.50 11.87
CA CYS B 15 -17.55 18.11 13.21
C CYS B 15 -18.90 18.74 13.55
N CYS B 16 -19.94 17.91 13.68
CA CYS B 16 -21.28 18.40 14.00
C CYS B 16 -21.93 17.44 14.97
N LEU B 17 -23.07 17.91 15.47
CA LEU B 17 -24.04 17.06 16.16
C LEU B 17 -24.67 16.09 15.17
N ARG B 18 -24.68 14.82 15.54
CA ARG B 18 -25.15 13.74 14.73
C ARG B 18 -26.32 13.07 15.41
N PRO B 19 -27.41 12.80 14.72
CA PRO B 19 -28.55 12.15 15.37
C PRO B 19 -28.23 10.73 15.78
N LEU B 20 -28.72 10.33 16.94
CA LEU B 20 -28.64 8.94 17.33
C LEU B 20 -29.75 8.65 18.34
N TYR B 21 -30.51 7.59 18.10
CA TYR B 21 -31.60 7.16 18.96
C TYR B 21 -31.23 5.83 19.60
N ILE B 22 -31.43 5.73 20.89
CA ILE B 22 -31.01 4.60 21.71
C ILE B 22 -32.27 4.01 22.34
N ASP B 23 -32.66 2.81 21.91
CA ASP B 23 -33.72 2.08 22.58
C ASP B 23 -33.19 1.52 23.88
N PHE B 24 -33.79 1.89 25.02
CA PHE B 24 -33.26 1.47 26.31
C PHE B 24 -33.13 -0.05 26.38
N LYS B 25 -34.24 -0.73 26.13
CA LYS B 25 -34.30 -2.18 26.32
C LYS B 25 -33.35 -2.89 25.38
N ARG B 26 -33.47 -2.64 24.08
CA ARG B 26 -32.74 -3.42 23.09
C ARG B 26 -31.32 -2.91 22.86
N ASP B 27 -31.05 -1.65 23.11
CA ASP B 27 -29.74 -1.12 22.79
C ASP B 27 -28.85 -0.96 24.02
N LEU B 28 -29.40 -1.06 25.23
CA LEU B 28 -28.56 -1.08 26.40
C LEU B 28 -28.81 -2.27 27.31
N GLY B 29 -29.98 -2.91 27.20
CA GLY B 29 -30.36 -3.87 28.22
C GLY B 29 -30.80 -3.25 29.52
N TRP B 30 -31.17 -1.96 29.51
CA TRP B 30 -31.66 -1.27 30.72
C TRP B 30 -33.16 -1.53 30.89
N LYS B 31 -33.47 -2.80 31.19
CA LYS B 31 -34.84 -3.29 31.34
C LYS B 31 -35.58 -2.58 32.47
N TRP B 32 -34.87 -1.90 33.37
CA TRP B 32 -35.51 -1.28 34.51
C TRP B 32 -36.20 0.05 34.22
N ILE B 33 -36.12 0.60 33.01
CA ILE B 33 -36.87 1.81 32.66
C ILE B 33 -38.23 1.42 32.07
N HIS B 34 -39.30 1.97 32.64
CA HIS B 34 -40.60 1.79 32.01
C HIS B 34 -40.82 2.78 30.86
N GLU B 35 -40.38 4.03 31.04
CA GLU B 35 -40.71 5.06 30.06
C GLU B 35 -39.66 6.15 30.05
N PRO B 36 -39.24 6.63 28.85
CA PRO B 36 -39.69 6.24 27.50
C PRO B 36 -38.93 5.04 26.97
N LYS B 37 -39.41 4.38 25.92
CA LYS B 37 -38.76 3.15 25.47
C LYS B 37 -37.36 3.39 24.92
N GLY B 38 -37.03 4.64 24.60
CA GLY B 38 -35.72 5.00 24.11
C GLY B 38 -35.65 6.51 24.03
N TYR B 39 -34.52 7.02 23.53
CA TYR B 39 -34.32 8.46 23.49
C TYR B 39 -33.19 8.88 22.57
N ASN B 40 -33.19 10.16 22.23
CA ASN B 40 -32.25 10.72 21.28
C ASN B 40 -31.01 11.23 21.98
N ALA B 41 -30.04 10.33 22.14
CA ALA B 41 -28.78 10.73 22.79
C ALA B 41 -27.91 11.57 21.87
N ASN B 42 -27.80 11.18 20.59
CA ASN B 42 -26.96 11.81 19.57
C ASN B 42 -25.48 11.62 19.84
N PHE B 43 -24.61 12.13 18.97
CA PHE B 43 -23.18 12.13 19.27
C PHE B 43 -22.52 13.23 18.47
N CYS B 44 -21.20 13.33 18.60
CA CYS B 44 -20.42 14.35 17.90
C CYS B 44 -19.37 13.71 17.00
N ALA B 45 -19.38 14.04 15.71
CA ALA B 45 -18.37 13.47 14.81
C ALA B 45 -18.16 14.33 13.57
N GLY B 46 -16.94 14.26 13.04
CA GLY B 46 -16.56 14.90 11.80
C GLY B 46 -15.22 15.60 11.92
N ALA B 47 -14.83 16.26 10.82
CA ALA B 47 -13.50 16.83 10.73
C ALA B 47 -13.40 18.17 11.46
N CYS B 48 -12.17 18.54 11.81
CA CYS B 48 -11.87 19.86 12.38
C CYS B 48 -10.87 20.63 11.53
N PRO B 49 -11.29 21.35 10.51
CA PRO B 49 -10.34 22.12 9.72
C PRO B 49 -10.12 23.50 10.32
N TYR B 50 -9.71 24.44 9.47
CA TYR B 50 -9.24 25.75 9.90
C TYR B 50 -10.42 26.61 10.39
N LEU B 51 -10.30 27.10 11.62
CA LEU B 51 -11.24 28.01 12.28
C LEU B 51 -12.66 27.43 12.37
N TRP B 52 -12.80 26.09 12.29
CA TRP B 52 -14.13 25.51 12.34
C TRP B 52 -14.80 25.72 13.71
N SER B 53 -14.20 25.17 14.77
CA SER B 53 -14.75 25.35 16.12
C SER B 53 -13.68 25.87 17.05
N SER B 54 -14.02 26.94 17.76
CA SER B 54 -13.21 27.37 18.89
C SER B 54 -13.58 26.56 20.14
N ASP B 55 -12.59 26.34 21.00
CA ASP B 55 -12.82 25.77 22.32
C ASP B 55 -12.33 26.79 23.34
N THR B 56 -11.59 26.32 24.34
CA THR B 56 -11.18 27.16 25.46
C THR B 56 -10.05 28.08 25.06
N GLN B 57 -9.47 28.72 26.07
CA GLN B 57 -8.16 29.32 25.91
C GLN B 57 -7.17 28.30 25.40
N HIS B 58 -7.22 27.09 25.96
CA HIS B 58 -6.16 26.13 25.74
C HIS B 58 -6.13 25.65 24.29
N SER B 59 -7.31 25.45 23.68
CA SER B 59 -7.33 25.07 22.28
C SER B 59 -6.74 26.16 21.38
N ARG B 60 -7.11 27.41 21.63
CA ARG B 60 -6.51 28.51 20.88
C ARG B 60 -4.99 28.48 21.03
N VAL B 61 -4.48 28.27 22.25
CA VAL B 61 -3.03 28.38 22.40
C VAL B 61 -2.34 27.21 21.70
N LEU B 62 -2.89 26.01 21.85
CA LEU B 62 -2.34 24.86 21.13
C LEU B 62 -2.29 25.10 19.62
N SER B 63 -3.33 25.71 19.03
CA SER B 63 -3.31 25.87 17.57
C SER B 63 -2.32 26.96 17.14
N LEU B 64 -2.30 28.09 17.85
CA LEU B 64 -1.25 29.06 17.60
C LEU B 64 0.12 28.41 17.69
N TYR B 65 0.41 27.76 18.82
CA TYR B 65 1.69 27.07 19.03
C TYR B 65 2.01 26.19 17.83
N ASN B 66 1.06 25.32 17.48
CA ASN B 66 1.26 24.36 16.41
C ASN B 66 1.61 25.04 15.10
N THR B 67 1.13 26.27 14.89
CA THR B 67 1.56 27.02 13.71
C THR B 67 2.95 27.64 13.90
N ILE B 68 3.21 28.25 15.06
CA ILE B 68 4.45 29.02 15.23
C ILE B 68 5.61 28.09 15.57
N ASN B 69 5.35 26.92 16.12
CA ASN B 69 6.51 26.13 16.49
C ASN B 69 6.75 25.05 15.45
N PRO B 70 8.00 24.68 15.17
CA PRO B 70 8.27 23.63 14.17
C PRO B 70 7.77 22.25 14.57
N GLU B 71 7.76 21.91 15.86
CA GLU B 71 7.32 20.59 16.29
C GLU B 71 5.93 20.70 16.92
N ALA B 72 4.90 20.66 16.08
CA ALA B 72 3.52 20.79 16.52
C ALA B 72 3.17 19.73 17.55
N SER B 73 2.25 20.06 18.45
CA SER B 73 1.87 19.11 19.49
C SER B 73 0.72 18.21 19.06
N ALA B 74 -0.47 18.48 19.60
CA ALA B 74 -1.66 17.68 19.33
C ALA B 74 -2.65 18.50 18.50
N SER B 75 -3.42 17.79 17.65
CA SER B 75 -4.44 18.23 16.73
C SER B 75 -5.83 17.98 17.32
N PRO B 76 -6.80 18.84 17.04
CA PRO B 76 -8.10 18.72 17.73
C PRO B 76 -9.01 17.69 17.09
N CYS B 77 -9.91 17.12 17.91
CA CYS B 77 -10.94 16.21 17.44
C CYS B 77 -12.33 16.65 17.94
N CYS B 78 -13.36 15.95 17.46
CA CYS B 78 -14.75 16.35 17.65
C CYS B 78 -15.34 15.68 18.88
N VAL B 79 -15.84 16.48 19.83
CA VAL B 79 -16.38 15.95 21.07
C VAL B 79 -17.61 16.75 21.47
N SER B 80 -18.25 16.31 22.55
CA SER B 80 -19.40 17.01 23.10
C SER B 80 -18.94 18.26 23.81
N GLN B 81 -19.87 19.19 24.00
CA GLN B 81 -19.55 20.27 24.91
C GLN B 81 -20.70 20.47 25.86
N ASP B 82 -21.90 20.67 25.35
CA ASP B 82 -23.07 20.87 26.21
C ASP B 82 -23.88 19.58 26.31
N LEU B 83 -23.94 19.00 27.51
CA LEU B 83 -24.81 17.87 27.80
C LEU B 83 -26.04 18.35 28.57
N GLU B 84 -27.04 17.46 28.64
CA GLU B 84 -28.37 17.77 29.16
C GLU B 84 -28.92 16.51 29.82
N PRO B 85 -29.57 16.63 30.98
CA PRO B 85 -30.08 15.44 31.66
C PRO B 85 -31.25 14.85 30.90
N LEU B 86 -31.69 13.68 31.37
CA LEU B 86 -32.89 13.03 30.83
C LEU B 86 -33.69 12.42 31.98
N THR B 87 -34.97 12.78 32.05
CA THR B 87 -35.83 12.27 33.10
C THR B 87 -36.52 11.00 32.62
N ILE B 88 -36.35 9.92 33.37
CA ILE B 88 -37.01 8.65 33.06
C ILE B 88 -37.91 8.24 34.21
N LEU B 89 -38.82 7.30 33.90
CA LEU B 89 -39.87 6.81 34.78
C LEU B 89 -39.81 5.29 34.88
N TYR B 90 -39.63 4.78 36.10
CA TYR B 90 -39.66 3.34 36.35
C TYR B 90 -40.65 3.03 37.47
N TYR B 91 -40.80 1.75 37.79
CA TYR B 91 -41.77 1.33 38.79
C TYR B 91 -41.14 0.42 39.81
N ILE B 92 -41.42 0.66 41.08
CA ILE B 92 -41.31 -0.38 42.09
C ILE B 92 -42.73 -0.88 42.39
N GLY B 93 -43.02 -2.12 42.00
CA GLY B 93 -44.39 -2.61 42.12
C GLY B 93 -45.27 -1.96 41.08
N LYS B 94 -46.44 -1.49 41.52
CA LYS B 94 -47.24 -0.59 40.71
C LYS B 94 -46.97 0.87 41.05
N THR B 95 -45.84 1.15 41.72
CA THR B 95 -45.52 2.48 42.22
C THR B 95 -44.62 3.21 41.23
N PRO B 96 -45.04 4.35 40.66
CA PRO B 96 -44.17 5.09 39.74
C PRO B 96 -43.08 5.84 40.48
N LYS B 97 -41.95 6.05 39.79
CA LYS B 97 -40.90 6.90 40.37
C LYS B 97 -40.00 7.45 39.27
N ILE B 98 -39.52 8.66 39.51
CA ILE B 98 -38.90 9.52 38.53
C ILE B 98 -37.44 9.68 38.92
N GLU B 99 -36.53 9.44 37.99
CA GLU B 99 -35.14 9.79 38.24
C GLU B 99 -34.64 10.64 37.09
N GLN B 100 -33.85 11.66 37.42
CA GLN B 100 -33.18 12.50 36.43
C GLN B 100 -31.74 12.02 36.27
N LEU B 101 -31.45 11.33 35.17
CA LEU B 101 -30.07 10.93 34.86
C LEU B 101 -29.33 12.12 34.28
N SER B 102 -28.15 12.42 34.82
CA SER B 102 -27.44 13.59 34.36
C SER B 102 -26.58 13.26 33.16
N ASN B 103 -26.42 14.25 32.28
CA ASN B 103 -25.49 14.17 31.15
C ASN B 103 -25.83 12.99 30.21
N MET B 104 -27.11 12.87 29.84
CA MET B 104 -27.53 11.82 28.93
C MET B 104 -27.67 12.26 27.48
N ILE B 105 -27.94 13.55 27.23
CA ILE B 105 -28.21 14.11 25.90
C ILE B 105 -27.05 15.00 25.51
N VAL B 106 -26.53 14.80 24.30
CA VAL B 106 -25.61 15.75 23.68
C VAL B 106 -26.44 16.78 22.95
N LYS B 107 -26.30 18.04 23.34
CA LYS B 107 -27.02 19.10 22.67
C LYS B 107 -26.11 19.97 21.83
N SER B 108 -24.79 19.77 21.88
CA SER B 108 -23.86 20.57 21.07
C SER B 108 -22.45 20.00 21.12
N CYS B 109 -21.70 20.25 20.05
CA CYS B 109 -20.35 19.75 19.91
C CYS B 109 -19.30 20.85 19.89
N LYS B 110 -18.04 20.43 19.80
CA LYS B 110 -16.91 21.35 19.76
C LYS B 110 -15.69 20.59 19.23
N CYS B 111 -14.63 21.34 18.86
CA CYS B 111 -13.34 20.76 18.51
C CYS B 111 -12.32 21.06 19.60
N SER B 112 -11.57 20.03 20.00
CA SER B 112 -10.68 20.07 21.14
C SER B 112 -9.39 19.31 20.89
N ALA C 2 9.95 29.25 2.14
CA ALA C 2 10.91 28.62 3.05
C ALA C 2 11.90 27.67 2.30
N GLN C 3 13.12 28.16 2.08
CA GLN C 3 14.08 27.51 1.19
C GLN C 3 15.50 27.84 1.64
N LEU C 4 16.39 26.83 1.58
CA LEU C 4 17.78 27.01 1.97
C LEU C 4 18.70 26.75 0.78
N THR C 5 19.79 27.51 0.74
CA THR C 5 20.74 27.47 -0.35
C THR C 5 22.11 27.42 0.26
N GLN C 6 22.86 26.36 -0.01
CA GLN C 6 24.19 26.24 0.56
C GLN C 6 25.22 26.31 -0.53
N SER C 7 26.21 27.17 -0.31
CA SER C 7 27.35 27.26 -1.21
C SER C 7 28.60 26.76 -0.51
N PRO C 8 29.56 26.18 -1.26
CA PRO C 8 29.50 25.91 -2.69
C PRO C 8 28.75 24.63 -3.02
N SER C 9 28.58 24.32 -4.29
CA SER C 9 27.98 23.04 -4.63
C SER C 9 29.00 21.90 -4.49
N SER C 10 30.21 22.09 -5.02
CA SER C 10 31.24 21.06 -5.01
C SER C 10 32.49 21.60 -4.33
N LEU C 11 33.39 20.70 -3.93
CA LEU C 11 34.60 21.15 -3.27
C LEU C 11 35.60 20.02 -3.17
N SER C 12 36.86 20.31 -3.51
CA SER C 12 38.00 19.44 -3.27
C SER C 12 39.06 20.22 -2.51
N ALA C 13 39.75 19.57 -1.59
CA ALA C 13 40.73 20.23 -0.75
C ALA C 13 41.67 19.18 -0.22
N SER C 14 42.82 19.63 0.26
CA SER C 14 43.87 18.71 0.64
C SER C 14 43.77 18.36 2.11
N VAL C 15 44.06 17.10 2.42
CA VAL C 15 44.24 16.67 3.80
C VAL C 15 44.99 17.72 4.61
N GLY C 16 44.44 18.11 5.77
CA GLY C 16 45.03 19.16 6.57
C GLY C 16 44.53 20.56 6.29
N ASP C 17 43.88 20.79 5.16
CA ASP C 17 43.37 22.12 4.89
C ASP C 17 42.07 22.34 5.65
N ARG C 18 41.78 23.61 5.92
CA ARG C 18 40.51 24.02 6.53
C ARG C 18 39.50 24.27 5.44
N VAL C 19 38.27 23.78 5.62
CA VAL C 19 37.23 24.02 4.64
C VAL C 19 35.99 24.55 5.33
N THR C 20 35.31 25.48 4.70
CA THR C 20 34.11 26.07 5.26
C THR C 20 33.02 26.14 4.20
N ILE C 21 31.79 25.84 4.63
CA ILE C 21 30.56 25.76 3.84
C ILE C 21 29.57 26.75 4.44
N THR C 22 28.65 27.28 3.63
CA THR C 22 27.68 28.26 4.10
C THR C 22 26.26 27.86 3.69
N CYS C 23 25.30 28.16 4.58
CA CYS C 23 23.87 27.95 4.33
C CYS C 23 23.20 29.34 4.45
N GLN C 24 22.23 29.59 3.57
CA GLN C 24 21.53 30.85 3.41
C GLN C 24 20.04 30.57 3.40
N SER C 25 19.31 31.27 4.25
CA SER C 25 17.91 30.96 4.47
C SER C 25 17.04 32.06 3.87
N SER C 26 15.98 31.66 3.18
CA SER C 26 15.08 32.68 2.64
C SER C 26 14.46 33.50 3.78
N GLN C 27 14.11 32.85 4.89
CA GLN C 27 13.67 33.55 6.10
C GLN C 27 14.38 32.99 7.32
N SER C 28 14.30 33.70 8.44
CA SER C 28 14.91 33.24 9.67
C SER C 28 14.35 31.89 10.14
N VAL C 29 15.25 31.06 10.67
CA VAL C 29 14.84 29.80 11.27
C VAL C 29 14.23 30.09 12.65
N TYR C 30 13.37 29.17 13.09
CA TYR C 30 12.67 29.37 14.34
C TYR C 30 13.65 29.46 15.49
N ASN C 31 13.47 30.48 16.34
CA ASN C 31 14.37 30.79 17.45
C ASN C 31 15.78 31.09 16.95
N ASN C 32 15.88 31.43 15.65
CA ASN C 32 17.10 31.97 15.05
C ASN C 32 18.31 31.03 15.12
N ASN C 33 18.12 29.78 15.57
CA ASN C 33 19.22 28.84 15.68
C ASN C 33 18.80 27.40 15.41
N TYR C 34 17.62 27.18 14.85
CA TYR C 34 17.19 25.84 14.41
C TYR C 34 17.83 25.53 13.06
N LEU C 35 19.11 25.14 13.13
CA LEU C 35 19.75 24.65 11.93
C LEU C 35 20.72 23.56 12.35
N SER C 36 20.55 22.39 11.75
CA SER C 36 21.47 21.28 11.88
C SER C 36 22.35 21.13 10.63
N TRP C 37 23.45 20.38 10.80
CA TRP C 37 24.29 19.88 9.73
C TRP C 37 24.43 18.38 9.83
N PHE C 38 24.33 17.74 8.67
CA PHE C 38 24.41 16.31 8.46
C PHE C 38 25.48 16.01 7.44
N GLN C 39 26.04 14.81 7.56
CA GLN C 39 27.07 14.32 6.67
C GLN C 39 26.61 12.98 6.12
N GLN C 40 26.44 12.89 4.81
CA GLN C 40 26.05 11.65 4.16
C GLN C 40 27.18 11.15 3.29
N LYS C 41 27.57 9.95 3.52
CA LYS C 41 28.42 9.16 2.64
C LYS C 41 27.55 8.28 1.76
N PRO C 42 27.98 7.99 0.53
CA PRO C 42 27.07 7.31 -0.42
C PRO C 42 26.51 6.02 0.18
N GLY C 43 25.22 5.78 -0.10
CA GLY C 43 24.55 4.56 0.27
C GLY C 43 24.23 4.40 1.75
N LYS C 44 24.77 5.25 2.60
CA LYS C 44 24.36 5.23 3.98
C LYS C 44 23.43 6.41 4.25
N PRO C 45 22.64 6.36 5.31
CA PRO C 45 21.81 7.49 5.65
C PRO C 45 22.67 8.63 6.16
N PRO C 46 22.14 9.86 6.18
CA PRO C 46 22.93 10.97 6.70
C PRO C 46 23.22 10.79 8.17
N LYS C 47 24.27 11.49 8.60
CA LYS C 47 24.69 11.46 9.99
C LYS C 47 24.71 12.91 10.45
N LEU C 48 23.82 13.22 11.40
CA LEU C 48 23.83 14.49 12.13
C LEU C 48 25.19 14.75 12.77
N LEU C 49 25.80 15.89 12.42
CA LEU C 49 27.01 16.37 13.06
C LEU C 49 26.72 17.48 14.06
N ILE C 50 26.15 18.58 13.59
CA ILE C 50 26.01 19.76 14.44
C ILE C 50 24.53 20.08 14.53
N TYR C 51 24.09 20.46 15.73
CA TYR C 51 22.73 20.96 15.89
C TYR C 51 22.79 22.27 16.63
N GLY C 52 21.65 22.97 16.61
CA GLY C 52 21.57 24.29 17.22
C GLY C 52 22.57 25.26 16.65
N ALA C 53 23.00 25.02 15.40
CA ALA C 53 23.86 25.87 14.60
C ALA C 53 25.31 25.70 15.01
N SER C 54 25.54 25.39 16.27
CA SER C 54 26.89 25.28 16.79
C SER C 54 27.12 24.11 17.73
N THR C 55 26.10 23.56 18.35
CA THR C 55 26.35 22.50 19.32
C THR C 55 26.76 21.23 18.58
N LEU C 56 27.88 20.65 19.01
CA LEU C 56 28.38 19.40 18.48
C LEU C 56 27.61 18.23 19.09
N THR C 57 27.71 17.07 18.45
CA THR C 57 27.06 15.84 18.90
C THR C 57 28.10 14.81 19.32
N SER C 58 27.66 13.86 20.14
CA SER C 58 28.56 12.83 20.59
C SER C 58 28.92 11.92 19.44
N GLY C 59 30.19 11.51 19.39
CA GLY C 59 30.69 10.67 18.33
C GLY C 59 31.37 11.40 17.19
N VAL C 60 31.53 12.72 17.32
CA VAL C 60 31.84 13.59 16.18
C VAL C 60 33.05 14.41 16.53
N PRO C 61 34.13 14.35 15.73
CA PRO C 61 35.37 15.05 16.07
C PRO C 61 35.25 16.56 16.23
N SER C 62 36.11 17.11 17.07
CA SER C 62 36.18 18.54 17.32
C SER C 62 36.67 19.32 16.12
N ARG C 63 37.12 18.63 15.06
CA ARG C 63 37.48 19.29 13.81
C ARG C 63 36.30 20.05 13.20
N PHE C 64 35.11 19.47 13.22
CA PHE C 64 33.93 20.18 12.77
C PHE C 64 33.44 21.16 13.83
N SER C 65 32.80 22.23 13.35
CA SER C 65 32.29 23.30 14.19
C SER C 65 31.32 24.14 13.39
N GLY C 66 30.17 24.47 13.95
CA GLY C 66 29.26 25.33 13.21
C GLY C 66 29.11 26.67 13.90
N SER C 67 28.68 27.68 13.14
CA SER C 67 28.47 29.03 13.65
C SER C 67 27.49 29.73 12.73
N GLY C 68 27.03 30.88 13.16
CA GLY C 68 26.03 31.62 12.41
C GLY C 68 24.69 31.68 13.12
N SER C 69 23.81 32.52 12.57
CA SER C 69 22.51 32.73 13.20
C SER C 69 21.56 33.48 12.29
N GLY C 70 20.29 33.54 12.72
CA GLY C 70 19.25 34.20 11.98
C GLY C 70 19.01 33.56 10.62
N THR C 71 19.79 33.98 9.63
CA THR C 71 19.64 33.48 8.27
C THR C 71 20.96 33.05 7.63
N ASP C 72 22.10 33.30 8.29
CA ASP C 72 23.41 33.09 7.68
C ASP C 72 24.26 32.19 8.55
N PHE C 73 24.61 31.01 8.04
CA PHE C 73 25.31 30.00 8.83
C PHE C 73 26.52 29.44 8.07
N THR C 74 27.48 28.91 8.84
CA THR C 74 28.69 28.32 8.31
C THR C 74 29.03 27.04 9.08
N LEU C 75 29.41 25.99 8.34
CA LEU C 75 30.03 24.80 8.91
C LEU C 75 31.52 24.80 8.57
N THR C 76 32.34 24.26 9.46
CA THR C 76 33.79 24.42 9.34
C THR C 76 34.52 23.15 9.77
N ILE C 77 35.34 22.61 8.87
CA ILE C 77 36.25 21.51 9.18
C ILE C 77 37.66 22.10 9.26
N SER C 78 38.09 22.34 10.49
CA SER C 78 39.42 22.91 10.74
C SER C 78 40.49 22.20 9.94
N SER C 79 40.44 20.88 9.87
CA SER C 79 41.57 20.14 9.32
C SER C 79 41.02 18.89 8.64
N LEU C 80 40.79 19.01 7.33
CA LEU C 80 40.18 17.96 6.54
C LEU C 80 41.01 16.67 6.57
N GLN C 81 40.33 15.54 6.34
CA GLN C 81 40.89 14.20 6.42
C GLN C 81 40.13 13.28 5.47
N PRO C 82 40.76 12.21 4.96
CA PRO C 82 40.14 11.45 3.87
C PRO C 82 38.81 10.77 4.23
N GLU C 83 38.56 10.51 5.52
CA GLU C 83 37.26 10.02 5.97
C GLU C 83 36.13 10.99 5.67
N ASP C 84 36.45 12.24 5.36
CA ASP C 84 35.40 13.24 5.33
C ASP C 84 34.73 13.40 3.97
N PHE C 85 35.30 12.84 2.90
CA PHE C 85 34.58 12.72 1.64
C PHE C 85 33.12 12.39 1.86
N ALA C 86 32.22 13.33 1.54
CA ALA C 86 30.80 13.15 1.77
C ALA C 86 30.05 14.35 1.21
N THR C 87 28.74 14.21 1.07
CA THR C 87 27.89 15.37 0.88
C THR C 87 27.43 15.89 2.24
N TYR C 88 27.53 17.20 2.46
CA TYR C 88 27.10 17.78 3.73
C TYR C 88 25.87 18.61 3.50
N TYR C 89 24.81 18.28 4.23
CA TYR C 89 23.53 18.96 4.08
C TYR C 89 23.27 19.79 5.32
N CYS C 90 22.48 20.85 5.14
CA CYS C 90 22.06 21.67 6.28
C CYS C 90 20.54 21.61 6.32
N ALA C 91 19.99 21.77 7.52
CA ALA C 91 18.55 21.65 7.74
C ALA C 91 18.10 22.76 8.64
N GLY C 92 16.98 23.38 8.28
CA GLY C 92 16.44 24.48 9.05
C GLY C 92 15.01 24.17 9.43
N GLY C 93 14.59 24.76 10.56
CA GLY C 93 13.21 24.67 11.02
C GLY C 93 12.58 26.06 11.04
N TYR C 94 11.25 26.09 10.88
CA TYR C 94 10.54 27.32 10.53
C TYR C 94 9.16 27.33 11.15
N SER C 95 8.55 28.53 11.21
CA SER C 95 7.16 28.70 11.66
C SER C 95 6.25 28.23 10.53
N GLY C 96 5.05 28.80 10.41
CA GLY C 96 4.20 28.44 9.27
C GLY C 96 3.53 27.09 9.40
N SER C 97 2.47 26.88 8.62
CA SER C 97 1.62 25.70 8.74
C SER C 97 1.91 24.69 7.65
N SER C 98 3.13 24.72 7.11
CA SER C 98 3.64 23.92 6.01
C SER C 98 5.12 24.24 5.88
N ASP C 99 5.90 23.24 5.46
CA ASP C 99 7.34 23.39 5.33
C ASP C 99 7.98 23.69 6.68
N LYS C 100 7.76 22.77 7.63
CA LYS C 100 8.28 22.95 8.98
C LYS C 100 9.79 22.89 9.02
N TYR C 101 10.38 22.01 8.22
CA TYR C 101 11.82 21.91 8.06
C TYR C 101 12.16 21.89 6.57
N ALA C 102 13.44 22.04 6.28
CA ALA C 102 13.91 21.96 4.91
C ALA C 102 15.41 21.71 4.90
N PHE C 103 15.88 21.04 3.86
CA PHE C 103 17.30 20.84 3.61
C PHE C 103 17.79 21.76 2.49
N GLY C 104 19.03 22.24 2.63
CA GLY C 104 19.73 22.85 1.52
C GLY C 104 20.15 21.81 0.50
N GLY C 105 20.84 22.29 -0.56
CA GLY C 105 21.05 21.47 -1.74
C GLY C 105 22.18 20.48 -1.68
N GLY C 106 23.14 20.68 -0.78
CA GLY C 106 24.28 19.81 -0.76
C GLY C 106 25.60 20.52 -0.95
N THR C 107 26.67 19.93 -0.40
CA THR C 107 28.03 20.26 -0.76
C THR C 107 28.82 18.96 -0.81
N LYS C 108 29.25 18.55 -2.01
CA LYS C 108 30.08 17.37 -2.17
C LYS C 108 31.51 17.77 -1.89
N VAL C 109 32.14 17.10 -0.93
CA VAL C 109 33.53 17.34 -0.61
C VAL C 109 34.34 16.14 -1.10
N GLU C 110 35.30 16.41 -1.96
CA GLU C 110 36.20 15.41 -2.49
C GLU C 110 37.60 15.73 -1.99
N ILE C 111 38.37 14.69 -1.68
CA ILE C 111 39.72 14.86 -1.14
C ILE C 111 40.73 14.86 -2.29
N LYS C 112 41.77 15.68 -2.16
CA LYS C 112 42.86 15.73 -3.13
C LYS C 112 44.09 15.06 -2.55
N ARG C 113 44.83 14.32 -3.38
CA ARG C 113 45.95 13.52 -2.90
C ARG C 113 47.04 13.53 -3.97
N THR C 114 48.17 12.89 -3.66
CA THR C 114 49.18 12.67 -4.69
C THR C 114 48.59 11.84 -5.82
N VAL C 115 49.06 12.08 -7.05
CA VAL C 115 48.54 11.27 -8.13
C VAL C 115 48.99 9.84 -7.91
N ALA C 116 48.24 8.90 -8.48
CA ALA C 116 48.56 7.48 -8.41
C ALA C 116 48.10 6.81 -9.70
N ALA C 117 49.02 6.09 -10.36
CA ALA C 117 48.71 5.45 -11.63
C ALA C 117 47.73 4.30 -11.44
N PRO C 118 46.85 4.06 -12.41
CA PRO C 118 45.89 2.96 -12.27
C PRO C 118 46.51 1.60 -12.57
N SER C 119 46.21 0.62 -11.71
CA SER C 119 46.54 -0.77 -12.06
C SER C 119 45.46 -1.29 -12.98
N VAL C 120 45.81 -1.53 -14.23
CA VAL C 120 44.84 -1.91 -15.25
C VAL C 120 44.78 -3.43 -15.41
N PHE C 121 43.57 -3.97 -15.50
CA PHE C 121 43.32 -5.37 -15.87
C PHE C 121 42.23 -5.41 -16.92
N ILE C 122 42.17 -6.51 -17.65
CA ILE C 122 41.22 -6.66 -18.75
C ILE C 122 40.65 -8.08 -18.70
N PHE C 123 39.35 -8.20 -18.51
CA PHE C 123 38.67 -9.46 -18.50
C PHE C 123 37.90 -9.68 -19.78
N PRO C 124 38.02 -10.91 -20.27
CA PRO C 124 37.31 -11.30 -21.47
C PRO C 124 35.92 -11.84 -21.11
N PRO C 125 35.05 -12.04 -22.10
CA PRO C 125 33.71 -12.54 -21.80
C PRO C 125 33.75 -14.00 -21.38
N SER C 126 33.05 -14.32 -20.32
CA SER C 126 33.06 -15.68 -19.81
C SER C 126 32.34 -16.63 -20.75
N ASP C 127 32.60 -17.94 -20.55
CA ASP C 127 31.95 -18.97 -21.35
C ASP C 127 30.44 -18.91 -21.21
N GLU C 128 29.94 -18.63 -20.01
CA GLU C 128 28.49 -18.58 -19.80
C GLU C 128 27.83 -17.56 -20.70
N GLN C 129 28.36 -16.35 -20.76
CA GLN C 129 27.70 -15.30 -21.51
C GLN C 129 27.76 -15.54 -23.02
N LEU C 130 28.84 -16.14 -23.49
CA LEU C 130 29.00 -16.43 -24.91
C LEU C 130 27.84 -17.30 -25.38
N LYS C 131 27.29 -18.08 -24.45
CA LYS C 131 26.18 -18.97 -24.77
C LYS C 131 24.86 -18.23 -24.59
N SER C 132 24.66 -17.18 -25.38
CA SER C 132 23.45 -16.37 -25.33
C SER C 132 23.44 -15.54 -26.59
N GLY C 133 23.19 -14.26 -26.42
CA GLY C 133 23.20 -13.31 -27.53
C GLY C 133 24.46 -12.47 -27.57
N THR C 134 24.86 -11.92 -26.44
CA THR C 134 25.84 -10.84 -26.42
C THR C 134 27.08 -11.24 -25.63
N ALA C 135 28.08 -10.35 -25.67
CA ALA C 135 29.37 -10.52 -24.99
C ALA C 135 29.84 -9.18 -24.44
N SER C 136 30.55 -9.24 -23.29
CA SER C 136 30.96 -8.06 -22.54
C SER C 136 32.43 -8.15 -22.13
N VAL C 137 33.20 -7.13 -22.50
CA VAL C 137 34.64 -7.05 -22.21
C VAL C 137 34.88 -5.95 -21.18
N VAL C 138 35.48 -6.30 -20.05
CA VAL C 138 35.59 -5.37 -18.93
C VAL C 138 37.03 -4.95 -18.73
N CYS C 139 37.27 -3.65 -18.71
CA CYS C 139 38.55 -3.06 -18.36
C CYS C 139 38.43 -2.42 -16.99
N LEU C 140 39.38 -2.72 -16.13
CA LEU C 140 39.30 -2.27 -14.75
C LEU C 140 40.54 -1.44 -14.46
N LEU C 141 40.35 -0.19 -14.07
CA LEU C 141 41.44 0.66 -13.62
C LEU C 141 41.29 0.73 -12.11
N ASN C 142 42.21 0.17 -11.37
CA ASN C 142 42.08 0.14 -9.95
C ASN C 142 43.00 1.06 -9.21
N ASN C 143 42.48 1.75 -8.23
CA ASN C 143 43.22 2.66 -7.37
C ASN C 143 44.02 3.73 -7.98
N PHE C 144 43.37 4.82 -8.35
CA PHE C 144 44.04 5.92 -8.98
C PHE C 144 43.46 7.28 -8.68
N TYR C 145 44.28 8.31 -8.68
CA TYR C 145 43.85 9.69 -8.50
C TYR C 145 44.62 10.54 -9.49
N PRO C 146 43.97 11.54 -10.14
CA PRO C 146 42.60 12.00 -9.93
C PRO C 146 41.61 11.27 -10.82
N ARG C 147 40.33 11.70 -10.82
CA ARG C 147 39.30 11.00 -11.57
C ARG C 147 39.54 11.11 -13.07
N GLU C 148 40.28 12.12 -13.50
CA GLU C 148 40.58 12.28 -14.92
C GLU C 148 41.31 11.07 -15.48
N ALA C 149 40.65 10.35 -16.39
CA ALA C 149 41.27 9.19 -17.03
C ALA C 149 40.49 8.81 -18.28
N LYS C 150 41.20 8.55 -19.38
CA LYS C 150 40.60 8.20 -20.67
C LYS C 150 40.82 6.73 -20.93
N VAL C 151 39.76 6.04 -21.37
CA VAL C 151 39.84 4.62 -21.69
C VAL C 151 39.32 4.43 -23.11
N GLN C 152 40.14 3.84 -23.98
CA GLN C 152 39.74 3.64 -25.37
C GLN C 152 39.91 2.19 -25.78
N TRP C 153 38.87 1.61 -26.36
CA TRP C 153 38.90 0.24 -26.80
C TRP C 153 39.40 0.15 -28.24
N LYS C 154 40.23 -0.85 -28.52
CA LYS C 154 40.65 -1.13 -29.88
C LYS C 154 40.49 -2.61 -30.19
N VAL C 155 39.80 -2.90 -31.29
CA VAL C 155 39.61 -4.28 -31.74
C VAL C 155 40.33 -4.45 -33.08
N ASP C 156 41.14 -5.51 -33.16
CA ASP C 156 42.14 -5.66 -34.22
C ASP C 156 42.82 -4.33 -34.52
N ASN C 157 43.16 -3.61 -33.45
CA ASN C 157 43.80 -2.29 -33.45
C ASN C 157 42.86 -1.14 -33.83
N ALA C 158 41.64 -1.43 -34.27
CA ALA C 158 40.72 -0.36 -34.68
C ALA C 158 39.92 0.17 -33.49
N LEU C 159 39.78 1.49 -33.43
CA LEU C 159 39.16 2.18 -32.30
C LEU C 159 37.64 2.11 -32.34
N GLN C 160 37.03 1.87 -31.18
CA GLN C 160 35.61 1.68 -31.01
C GLN C 160 34.92 2.95 -30.48
N SER C 161 33.61 3.04 -30.71
CA SER C 161 32.86 4.22 -30.31
C SER C 161 31.40 3.85 -30.10
N GLY C 162 30.81 4.34 -29.01
CA GLY C 162 29.39 4.24 -28.83
C GLY C 162 28.88 2.87 -28.43
N ASN C 163 29.78 1.98 -28.00
CA ASN C 163 29.37 0.63 -27.63
C ASN C 163 29.97 0.20 -26.31
N SER C 164 30.53 1.12 -25.54
CA SER C 164 31.04 0.85 -24.21
C SER C 164 30.38 1.82 -23.23
N GLN C 165 30.53 1.54 -21.95
CA GLN C 165 30.05 2.45 -20.92
C GLN C 165 30.84 2.26 -19.64
N GLU C 166 31.01 3.36 -18.91
CA GLU C 166 31.88 3.41 -17.75
C GLU C 166 31.08 3.63 -16.48
N SER C 167 31.60 3.11 -15.37
CA SER C 167 31.18 3.59 -14.06
C SER C 167 32.36 3.54 -13.09
N VAL C 168 32.40 4.56 -12.21
CA VAL C 168 33.54 4.83 -11.35
C VAL C 168 33.07 4.86 -9.90
N THR C 169 33.86 4.26 -9.00
CA THR C 169 33.45 4.21 -7.60
C THR C 169 33.60 5.57 -6.92
N GLU C 170 32.73 5.81 -5.94
CA GLU C 170 32.92 6.92 -5.02
C GLU C 170 34.28 6.79 -4.35
N GLN C 171 34.89 7.94 -4.06
CA GLN C 171 36.24 7.98 -3.50
C GLN C 171 36.38 7.04 -2.32
N ASP C 172 37.54 6.43 -2.17
CA ASP C 172 37.79 5.56 -1.02
C ASP C 172 37.91 6.39 0.26
N SER C 173 37.32 5.89 1.35
CA SER C 173 37.29 6.64 2.59
C SER C 173 38.67 6.74 3.24
N LYS C 174 39.59 5.83 2.90
CA LYS C 174 40.87 5.73 3.56
C LYS C 174 42.02 6.24 2.69
N ASP C 175 42.11 5.82 1.43
CA ASP C 175 43.24 6.19 0.59
C ASP C 175 42.90 7.30 -0.41
N SER C 176 41.62 7.61 -0.58
CA SER C 176 41.15 8.68 -1.47
C SER C 176 41.43 8.37 -2.94
N THR C 177 41.48 7.10 -3.33
CA THR C 177 41.63 6.76 -4.75
C THR C 177 40.30 6.37 -5.38
N TYR C 178 40.35 6.10 -6.68
CA TYR C 178 39.19 5.79 -7.48
C TYR C 178 39.32 4.43 -8.13
N SER C 179 38.26 4.01 -8.79
CA SER C 179 38.30 2.81 -9.61
C SER C 179 37.30 2.98 -10.73
N LEU C 180 37.69 2.61 -11.92
CA LEU C 180 36.82 2.72 -13.06
C LEU C 180 36.62 1.33 -13.66
N SER C 181 35.45 1.12 -14.24
CA SER C 181 35.14 -0.10 -14.99
C SER C 181 34.53 0.32 -16.31
N SER C 182 35.20 -0.03 -17.40
CA SER C 182 34.72 0.21 -18.76
C SER C 182 34.26 -1.12 -19.36
N THR C 183 32.98 -1.23 -19.67
CA THR C 183 32.49 -2.46 -20.26
C THR C 183 32.09 -2.18 -21.70
N LEU C 184 32.64 -2.97 -22.61
CA LEU C 184 32.32 -2.89 -24.02
C LEU C 184 31.38 -4.03 -24.37
N THR C 185 30.30 -3.71 -25.09
CA THR C 185 29.21 -4.64 -25.39
C THR C 185 29.20 -4.94 -26.87
N LEU C 186 29.22 -6.23 -27.22
CA LEU C 186 29.23 -6.64 -28.61
C LEU C 186 28.26 -7.81 -28.81
N SER C 187 27.83 -7.97 -30.06
CA SER C 187 27.01 -9.13 -30.44
C SER C 187 27.93 -10.30 -30.72
N LYS C 188 27.60 -11.46 -30.11
CA LYS C 188 28.40 -12.68 -30.26
C LYS C 188 28.88 -12.89 -31.69
N ALA C 189 27.99 -12.71 -32.67
CA ALA C 189 28.41 -12.72 -34.06
C ALA C 189 29.53 -11.70 -34.30
N ASP C 190 29.26 -10.42 -34.03
CA ASP C 190 30.28 -9.41 -34.27
C ASP C 190 31.48 -9.57 -33.34
N TYR C 191 31.32 -10.26 -32.22
CA TYR C 191 32.47 -10.58 -31.39
C TYR C 191 33.40 -11.55 -32.11
N GLU C 192 32.84 -12.59 -32.73
CA GLU C 192 33.67 -13.63 -33.33
C GLU C 192 34.57 -13.06 -34.42
N LYS C 193 34.06 -12.12 -35.22
CA LYS C 193 34.77 -11.69 -36.43
C LYS C 193 36.15 -11.13 -36.12
N HIS C 194 36.40 -10.66 -34.91
CA HIS C 194 37.61 -9.92 -34.60
C HIS C 194 38.51 -10.72 -33.64
N LYS C 195 39.81 -10.40 -33.71
CA LYS C 195 40.86 -11.19 -33.07
C LYS C 195 41.46 -10.49 -31.85
N VAL C 196 41.95 -9.27 -32.00
CA VAL C 196 42.71 -8.59 -30.94
C VAL C 196 41.78 -7.66 -30.18
N TYR C 197 41.69 -7.83 -28.85
CA TYR C 197 40.83 -7.01 -27.99
C TYR C 197 41.69 -6.29 -26.97
N ALA C 198 41.79 -4.96 -27.10
CA ALA C 198 42.76 -4.17 -26.35
C ALA C 198 42.08 -2.99 -25.69
N CYS C 199 42.50 -2.68 -24.46
CA CYS C 199 42.01 -1.59 -23.65
C CYS C 199 43.18 -0.65 -23.36
N GLU C 200 43.12 0.59 -23.91
CA GLU C 200 44.20 1.57 -23.82
C GLU C 200 43.81 2.66 -22.82
N VAL C 201 44.56 2.75 -21.71
CA VAL C 201 44.29 3.69 -20.64
C VAL C 201 45.31 4.82 -20.70
N THR C 202 44.81 6.05 -20.74
CA THR C 202 45.61 7.27 -20.60
C THR C 202 45.26 7.91 -19.26
N HIS C 203 46.26 8.01 -18.37
CA HIS C 203 46.11 8.67 -17.09
C HIS C 203 47.34 9.51 -16.80
N GLN C 204 47.15 10.57 -16.00
CA GLN C 204 48.25 11.50 -15.78
C GLN C 204 49.36 10.91 -14.93
N GLY C 205 49.11 9.84 -14.18
CA GLY C 205 50.16 9.07 -13.51
C GLY C 205 50.85 8.03 -14.36
N LEU C 206 50.61 8.06 -15.68
CA LEU C 206 51.28 7.22 -16.66
C LEU C 206 52.01 8.12 -17.63
N SER C 207 53.32 7.91 -17.78
CA SER C 207 54.13 8.66 -18.73
C SER C 207 53.62 8.49 -20.16
N SER C 208 53.32 7.26 -20.56
CA SER C 208 52.67 7.00 -21.83
C SER C 208 51.47 6.11 -21.56
N PRO C 209 50.54 6.01 -22.50
CA PRO C 209 49.37 5.15 -22.27
C PRO C 209 49.80 3.72 -22.00
N VAL C 210 48.96 3.00 -21.26
CA VAL C 210 49.21 1.59 -20.96
C VAL C 210 48.12 0.76 -21.62
N THR C 211 48.51 -0.27 -22.36
CA THR C 211 47.59 -1.14 -23.07
C THR C 211 47.54 -2.51 -22.41
N LYS C 212 46.34 -3.04 -22.21
CA LYS C 212 46.15 -4.41 -21.78
C LYS C 212 45.21 -5.11 -22.76
N SER C 213 45.60 -6.28 -23.24
CA SER C 213 44.87 -6.88 -24.36
C SER C 213 44.88 -8.40 -24.25
N PHE C 214 44.04 -9.02 -25.08
CA PHE C 214 43.96 -10.47 -25.16
C PHE C 214 43.46 -10.87 -26.55
N ASN C 215 43.40 -12.19 -26.76
CA ASN C 215 42.88 -12.79 -27.99
C ASN C 215 41.82 -13.83 -27.62
N ARG C 216 40.67 -13.78 -28.30
CA ARG C 216 39.62 -14.79 -28.09
C ARG C 216 40.21 -16.19 -28.27
N GLY C 217 39.83 -17.10 -27.39
CA GLY C 217 40.57 -18.34 -27.23
C GLY C 217 41.91 -18.07 -26.58
N GLU C 218 42.02 -18.41 -25.29
CA GLU C 218 43.14 -17.99 -24.45
C GLU C 218 44.49 -18.52 -24.97
N GLN D 2 16.56 2.65 20.19
CA GLN D 2 16.41 3.74 19.22
C GLN D 2 16.85 3.32 17.82
N GLN D 3 15.96 2.67 17.07
CA GLN D 3 16.26 2.15 15.75
C GLN D 3 15.00 2.18 14.87
N LEU D 4 15.15 2.53 13.61
CA LEU D 4 14.06 2.59 12.69
C LEU D 4 14.38 1.79 11.47
N VAL D 5 13.43 1.06 10.92
CA VAL D 5 13.66 0.30 9.69
C VAL D 5 12.44 0.49 8.82
N GLU D 6 12.60 1.07 7.66
CA GLU D 6 11.50 1.25 6.76
C GLU D 6 11.41 0.07 5.87
N SER D 7 10.23 -0.19 5.37
CA SER D 7 9.97 -1.33 4.52
C SER D 7 8.80 -1.01 3.61
N GLY D 8 8.55 -1.92 2.66
CA GLY D 8 7.45 -1.75 1.74
C GLY D 8 7.82 -1.01 0.49
N GLY D 9 9.09 -0.73 0.28
CA GLY D 9 9.50 -0.08 -0.95
C GLY D 9 9.39 -1.00 -2.14
N GLY D 10 9.81 -0.46 -3.27
CA GLY D 10 10.00 -1.30 -4.42
C GLY D 10 9.38 -0.74 -5.68
N LEU D 11 8.80 -1.64 -6.46
CA LEU D 11 8.36 -1.34 -7.79
C LEU D 11 6.86 -1.09 -7.81
N VAL D 12 6.45 0.11 -8.23
CA VAL D 12 5.04 0.44 -8.43
C VAL D 12 4.93 1.40 -9.62
N GLN D 13 3.89 1.22 -10.45
CA GLN D 13 3.84 2.04 -11.66
C GLN D 13 3.06 3.32 -11.43
N PRO D 14 3.17 4.31 -12.36
CA PRO D 14 2.57 5.64 -12.10
C PRO D 14 1.08 5.60 -11.78
N GLY D 15 0.60 6.67 -11.12
CA GLY D 15 -0.78 6.74 -10.69
C GLY D 15 -1.15 5.79 -9.56
N GLY D 16 -0.36 4.74 -9.33
CA GLY D 16 -0.63 3.81 -8.26
C GLY D 16 -0.27 4.39 -6.91
N SER D 17 -0.57 3.61 -5.90
CA SER D 17 -0.42 4.04 -4.53
C SER D 17 0.59 3.13 -3.84
N LEU D 18 1.41 3.73 -2.98
CA LEU D 18 2.31 2.97 -2.15
C LEU D 18 2.11 3.39 -0.71
N ARG D 19 2.20 2.44 0.19
CA ARG D 19 2.31 2.73 1.61
C ARG D 19 3.66 2.15 2.03
N LEU D 20 4.60 3.02 2.38
CA LEU D 20 5.80 2.63 3.12
C LEU D 20 5.51 2.60 4.61
N SER D 21 6.22 1.72 5.30
CA SER D 21 6.10 1.55 6.74
C SER D 21 7.47 1.76 7.36
N CYS D 22 7.49 2.16 8.63
CA CYS D 22 8.72 2.38 9.36
C CYS D 22 8.56 1.80 10.74
N ALA D 23 9.21 0.66 10.96
CA ALA D 23 9.21 -0.03 12.24
C ALA D 23 10.16 0.66 13.19
N VAL D 24 9.66 0.99 14.36
CA VAL D 24 10.40 1.72 15.37
C VAL D 24 10.68 0.75 16.51
N SER D 25 11.81 0.95 17.19
CA SER D 25 12.05 0.18 18.40
C SER D 25 13.04 0.91 19.27
N GLY D 26 12.86 0.83 20.58
CA GLY D 26 13.76 1.49 21.50
C GLY D 26 13.37 2.90 21.87
N PHE D 27 12.18 3.34 21.48
CA PHE D 27 11.64 4.63 21.90
C PHE D 27 10.16 4.57 21.58
N SER D 28 9.41 5.49 22.18
CA SER D 28 7.95 5.42 22.08
C SER D 28 7.45 6.46 21.11
N LEU D 29 6.54 6.04 20.24
CA LEU D 29 5.91 6.93 19.28
C LEU D 29 5.10 8.02 19.94
N SER D 30 4.90 7.95 21.25
CA SER D 30 4.19 8.98 22.00
C SER D 30 5.13 9.97 22.65
N SER D 31 6.44 9.83 22.42
CA SER D 31 7.43 10.77 22.92
C SER D 31 8.21 11.44 21.82
N TYR D 32 8.37 10.78 20.68
CA TYR D 32 9.26 11.23 19.64
C TYR D 32 8.45 11.48 18.37
N THR D 33 8.74 12.60 17.72
CA THR D 33 8.17 12.92 16.41
C THR D 33 9.00 12.26 15.32
N VAL D 34 8.34 11.67 14.33
CA VAL D 34 9.03 10.93 13.29
C VAL D 34 8.75 11.56 11.93
N ASN D 35 9.80 11.77 11.14
CA ASN D 35 9.74 12.42 9.84
C ASN D 35 10.03 11.42 8.74
N TRP D 36 9.64 11.79 7.54
CA TRP D 36 10.01 11.06 6.33
C TRP D 36 10.80 12.03 5.45
N VAL D 37 12.02 11.63 5.11
CA VAL D 37 12.91 12.38 4.24
C VAL D 37 13.11 11.53 3.00
N ARG D 38 13.27 12.17 1.85
CA ARG D 38 13.46 11.36 0.65
C ARG D 38 14.53 11.96 -0.25
N GLN D 39 15.20 11.06 -1.00
CA GLN D 39 16.32 11.44 -1.84
C GLN D 39 16.19 10.83 -3.23
N ALA D 40 16.05 11.70 -4.23
CA ALA D 40 16.22 11.30 -5.63
C ALA D 40 17.63 10.75 -5.84
N PRO D 41 17.79 9.72 -6.70
CA PRO D 41 19.13 9.21 -7.03
C PRO D 41 20.08 10.30 -7.47
N GLY D 42 21.16 10.55 -6.71
CA GLY D 42 22.13 11.56 -7.06
C GLY D 42 21.77 12.98 -6.67
N LYS D 43 20.58 13.22 -6.15
CA LYS D 43 20.20 14.58 -5.79
C LYS D 43 20.15 14.72 -4.27
N GLY D 44 19.73 15.91 -3.81
CA GLY D 44 19.74 16.18 -2.38
C GLY D 44 18.52 15.65 -1.62
N LEU D 45 18.63 15.63 -0.30
CA LEU D 45 17.54 15.19 0.56
C LEU D 45 16.41 16.21 0.54
N GLU D 46 15.17 15.74 0.47
CA GLU D 46 14.02 16.62 0.65
C GLU D 46 13.06 16.09 1.72
N TRP D 47 12.70 16.98 2.65
CA TRP D 47 11.79 16.69 3.75
C TRP D 47 10.34 16.54 3.26
N ILE D 48 9.76 15.36 3.42
CA ILE D 48 8.36 15.20 3.03
C ILE D 48 7.48 15.86 4.07
N GLY D 49 7.64 15.46 5.32
CA GLY D 49 6.72 15.82 6.39
C GLY D 49 6.96 14.94 7.59
N TYR D 50 6.09 15.07 8.57
CA TYR D 50 6.25 14.28 9.78
C TYR D 50 4.90 14.02 10.42
N ILE D 51 4.94 13.10 11.40
CA ILE D 51 3.88 12.85 12.35
C ILE D 51 4.46 13.07 13.76
N SER D 52 3.92 14.06 14.46
CA SER D 52 4.53 14.55 15.70
C SER D 52 4.22 13.64 16.89
N TYR D 53 5.00 13.82 17.96
CA TYR D 53 4.75 13.08 19.19
C TYR D 53 3.28 13.18 19.61
N GLY D 54 2.73 14.38 19.61
CA GLY D 54 1.35 14.59 19.98
C GLY D 54 0.33 14.18 18.97
N GLY D 55 0.75 13.64 17.81
CA GLY D 55 -0.16 13.09 16.83
C GLY D 55 -0.58 13.98 15.68
N SER D 56 0.16 15.04 15.40
CA SER D 56 -0.21 16.03 14.40
C SER D 56 0.65 15.87 13.12
N ALA D 57 0.02 15.82 11.96
CA ALA D 57 0.76 15.58 10.71
C ALA D 57 1.00 16.89 9.97
N TYR D 58 2.25 17.18 9.67
CA TYR D 58 2.51 18.37 8.88
C TYR D 58 3.37 18.00 7.68
N TYR D 59 3.20 18.73 6.58
CA TYR D 59 3.78 18.30 5.34
C TYR D 59 4.59 19.43 4.74
N ALA D 60 5.26 19.16 3.62
CA ALA D 60 5.90 20.22 2.86
C ALA D 60 4.92 20.76 1.83
N SER D 61 5.23 21.97 1.32
CA SER D 61 4.26 22.68 0.47
C SER D 61 3.91 21.88 -0.76
N TRP D 62 4.89 21.19 -1.33
CA TRP D 62 4.68 20.58 -2.62
C TRP D 62 3.95 19.23 -2.54
N ALA D 63 3.82 18.64 -1.36
CA ALA D 63 3.06 17.39 -1.25
C ALA D 63 1.63 17.57 -1.77
N ASN D 64 1.06 18.76 -1.57
CA ASN D 64 -0.29 19.09 -2.03
C ASN D 64 -1.31 18.01 -1.65
N GLY D 65 -1.16 17.39 -0.49
CA GLY D 65 -2.12 16.38 -0.10
C GLY D 65 -1.98 15.05 -0.78
N ARG D 66 -0.90 14.81 -1.52
CA ARG D 66 -0.73 13.53 -2.17
C ARG D 66 -0.17 12.47 -1.23
N PHE D 67 0.44 12.91 -0.13
CA PHE D 67 1.03 12.04 0.87
C PHE D 67 0.28 12.23 2.17
N THR D 68 0.00 11.13 2.88
CA THR D 68 -0.49 11.21 4.27
C THR D 68 0.43 10.43 5.20
N ILE D 69 0.96 11.14 6.19
CA ILE D 69 1.88 10.59 7.18
C ILE D 69 1.12 10.34 8.49
N SER D 70 1.24 9.12 9.01
CA SER D 70 0.36 8.68 10.07
C SER D 70 1.11 7.71 10.97
N LYS D 71 0.58 7.44 12.17
CA LYS D 71 1.27 6.48 13.02
C LYS D 71 0.28 5.51 13.65
N ASP D 72 0.84 4.43 14.18
CA ASP D 72 0.09 3.43 14.93
C ASP D 72 0.99 2.97 16.08
N SER D 73 0.71 3.47 17.27
CA SER D 73 1.64 3.27 18.37
C SER D 73 1.61 1.84 18.87
N ALA D 74 0.49 1.15 18.67
CA ALA D 74 0.36 -0.23 19.13
C ALA D 74 1.19 -1.18 18.27
N LYS D 75 1.18 -0.96 16.96
CA LYS D 75 2.03 -1.73 16.06
C LYS D 75 3.42 -1.14 15.92
N ASN D 76 3.74 -0.11 16.69
CA ASN D 76 5.09 0.42 16.77
C ASN D 76 5.56 1.04 15.46
N SER D 77 4.69 1.63 14.66
CA SER D 77 5.20 2.00 13.34
C SER D 77 4.61 3.30 12.84
N VAL D 78 5.26 3.84 11.82
CA VAL D 78 4.89 5.10 11.19
C VAL D 78 4.69 4.83 9.71
N TYR D 79 3.71 5.48 9.11
CA TYR D 79 3.32 5.18 7.75
C TYR D 79 3.43 6.43 6.90
N LEU D 80 3.90 6.24 5.68
CA LEU D 80 3.89 7.29 4.68
C LEU D 80 3.21 6.70 3.45
N GLN D 81 2.03 7.18 3.12
CA GLN D 81 1.37 6.61 1.97
C GLN D 81 1.13 7.70 0.94
N MET D 82 1.42 7.34 -0.31
CA MET D 82 1.48 8.30 -1.41
C MET D 82 0.58 7.76 -2.49
N ASN D 83 -0.25 8.65 -3.05
CA ASN D 83 -1.21 8.26 -4.08
C ASN D 83 -0.81 8.90 -5.40
N SER D 84 -1.30 8.27 -6.48
CA SER D 84 -1.06 8.74 -7.83
C SER D 84 0.44 9.01 -7.98
N LEU D 85 1.21 7.94 -8.12
CA LEU D 85 2.66 8.12 -8.04
C LEU D 85 3.20 8.58 -9.38
N ARG D 86 4.34 9.26 -9.32
CA ARG D 86 5.01 9.88 -10.45
C ARG D 86 6.43 9.35 -10.56
N ALA D 87 7.09 9.64 -11.70
CA ALA D 87 8.46 9.17 -11.91
C ALA D 87 9.43 9.92 -11.01
N GLU D 88 9.18 11.20 -10.78
CA GLU D 88 9.99 12.05 -9.93
C GLU D 88 9.87 11.68 -8.46
N ASP D 89 9.04 10.70 -8.14
CA ASP D 89 8.91 10.15 -6.80
C ASP D 89 9.84 8.96 -6.59
N THR D 90 10.49 8.46 -7.65
CA THR D 90 11.57 7.49 -7.49
C THR D 90 12.62 8.08 -6.59
N ALA D 91 12.87 7.40 -5.48
CA ALA D 91 13.77 7.94 -4.48
C ALA D 91 14.01 6.87 -3.44
N VAL D 92 15.06 7.07 -2.68
CA VAL D 92 15.19 6.37 -1.41
C VAL D 92 14.36 7.12 -0.39
N TYR D 93 13.62 6.38 0.43
CA TYR D 93 12.75 6.97 1.43
C TYR D 93 13.35 6.66 2.80
N PHE D 94 13.64 7.72 3.54
CA PHE D 94 14.23 7.65 4.87
C PHE D 94 13.20 7.92 5.96
N CYS D 95 13.34 7.18 7.03
CA CYS D 95 12.61 7.38 8.28
C CYS D 95 13.55 8.08 9.25
N ALA D 96 13.30 9.35 9.56
CA ALA D 96 14.20 10.11 10.41
C ALA D 96 13.47 10.56 11.67
N ARG D 97 14.07 10.32 12.82
CA ARG D 97 13.42 10.68 14.08
C ARG D 97 13.93 12.02 14.56
N HIS D 98 13.04 12.85 15.10
CA HIS D 98 13.48 14.00 15.88
C HIS D 98 14.49 13.54 16.93
N MET D 99 15.50 14.38 17.19
CA MET D 99 16.57 13.96 18.08
C MET D 99 16.11 13.91 19.53
N GLN D 100 15.33 14.89 19.97
CA GLN D 100 14.94 15.02 21.37
C GLN D 100 13.47 14.68 21.55
N VAL D 101 13.11 14.26 22.76
CA VAL D 101 11.68 14.10 23.03
C VAL D 101 11.03 15.46 22.97
N GLY D 102 9.79 15.49 22.51
CA GLY D 102 9.14 16.75 22.22
C GLY D 102 8.41 17.30 23.40
N GLY D 103 8.22 18.63 23.39
CA GLY D 103 7.48 19.29 24.44
C GLY D 103 8.30 19.84 25.57
N ALA D 104 9.58 19.49 25.66
CA ALA D 104 10.46 19.99 26.71
C ALA D 104 10.85 21.43 26.43
N PRO D 105 11.44 22.12 27.41
CA PRO D 105 11.82 23.53 27.19
C PRO D 105 12.76 23.76 26.02
N THR D 106 13.73 22.87 25.80
CA THR D 106 14.56 22.91 24.60
C THR D 106 14.02 21.87 23.63
N GLY D 107 13.99 22.25 22.34
CA GLY D 107 13.52 21.38 21.28
C GLY D 107 14.64 20.57 20.66
N SER D 108 14.36 20.05 19.47
CA SER D 108 15.38 19.29 18.77
C SER D 108 16.31 20.14 17.92
N MET D 109 15.99 21.42 17.73
CA MET D 109 16.88 22.36 17.04
C MET D 109 17.14 21.88 15.61
N ALA D 110 16.09 21.42 14.95
CA ALA D 110 16.14 20.95 13.56
C ALA D 110 17.06 19.75 13.38
N ALA D 111 17.45 19.10 14.48
CA ALA D 111 18.26 17.89 14.43
C ALA D 111 17.41 16.66 14.22
N PHE D 112 17.91 15.74 13.39
CA PHE D 112 17.29 14.43 13.19
C PHE D 112 18.33 13.36 13.48
N ASP D 113 17.97 12.42 14.37
CA ASP D 113 18.80 11.25 14.67
C ASP D 113 18.07 10.39 15.69
N PRO D 114 17.93 9.07 15.46
CA PRO D 114 18.52 8.27 14.39
C PRO D 114 17.81 8.35 13.04
N TRP D 115 18.34 7.59 12.07
CA TRP D 115 17.83 7.54 10.72
C TRP D 115 17.69 6.09 10.31
N GLY D 116 16.89 5.84 9.29
CA GLY D 116 16.71 4.49 8.82
C GLY D 116 17.56 4.24 7.60
N PRO D 117 17.80 2.98 7.29
CA PRO D 117 18.62 2.66 6.10
C PRO D 117 18.07 3.24 4.81
N GLY D 118 16.82 3.68 4.86
CA GLY D 118 16.07 3.99 3.67
C GLY D 118 15.60 2.72 2.98
N THR D 119 14.62 2.89 2.09
CA THR D 119 14.20 1.82 1.19
C THR D 119 13.89 2.46 -0.15
N LEU D 120 14.33 1.79 -1.24
CA LEU D 120 14.18 2.34 -2.58
C LEU D 120 12.76 2.12 -3.10
N VAL D 121 12.19 3.19 -3.64
CA VAL D 121 10.92 3.17 -4.34
C VAL D 121 11.22 3.58 -5.77
N THR D 122 11.03 2.64 -6.69
CA THR D 122 11.06 2.90 -8.12
C THR D 122 9.61 2.92 -8.62
N VAL D 123 9.30 3.92 -9.44
CA VAL D 123 8.06 3.97 -10.19
C VAL D 123 8.37 3.81 -11.69
N SER D 124 7.73 2.83 -12.32
CA SER D 124 8.00 2.55 -13.73
C SER D 124 6.94 1.59 -14.24
N SER D 125 6.87 1.51 -15.56
CA SER D 125 6.00 0.56 -16.25
C SER D 125 6.71 -0.75 -16.58
N ALA D 126 8.04 -0.77 -16.51
CA ALA D 126 8.83 -1.94 -16.86
C ALA D 126 8.61 -3.06 -15.87
N SER D 127 9.03 -4.27 -16.26
CA SER D 127 8.79 -5.49 -15.51
C SER D 127 10.07 -6.00 -14.86
N THR D 128 9.96 -6.50 -13.62
CA THR D 128 11.11 -7.06 -12.89
C THR D 128 11.77 -8.22 -13.63
N LYS D 129 12.99 -8.03 -14.11
CA LYS D 129 13.81 -9.12 -14.65
C LYS D 129 14.96 -9.40 -13.69
N GLY D 130 15.19 -10.67 -13.39
CA GLY D 130 16.32 -11.06 -12.58
C GLY D 130 17.62 -10.92 -13.35
N PRO D 131 18.75 -10.96 -12.66
CA PRO D 131 20.03 -10.74 -13.32
C PRO D 131 20.70 -12.01 -13.79
N SER D 132 21.40 -11.89 -14.91
CA SER D 132 22.36 -12.91 -15.31
C SER D 132 23.67 -12.59 -14.60
N VAL D 133 24.36 -13.63 -14.11
CA VAL D 133 25.55 -13.45 -13.29
C VAL D 133 26.71 -14.13 -14.00
N PHE D 134 27.66 -13.34 -14.47
CA PHE D 134 28.73 -13.95 -15.21
C PHE D 134 30.06 -13.81 -14.50
N PRO D 135 31.02 -14.72 -14.73
CA PRO D 135 32.32 -14.62 -14.04
C PRO D 135 33.28 -13.72 -14.78
N LEU D 136 33.88 -12.78 -14.05
CA LEU D 136 35.01 -12.01 -14.50
C LEU D 136 36.24 -12.70 -13.92
N ALA D 137 37.00 -13.36 -14.78
CA ALA D 137 38.13 -14.16 -14.35
C ALA D 137 39.37 -13.75 -15.12
N PRO D 138 40.54 -13.82 -14.48
CA PRO D 138 41.84 -13.53 -15.09
C PRO D 138 42.10 -14.32 -16.37
N THR D 147 49.92 -10.14 -7.36
CA THR D 147 48.61 -9.53 -7.13
C THR D 147 47.75 -9.50 -8.39
N ALA D 148 46.56 -10.11 -8.32
CA ALA D 148 45.65 -10.18 -9.47
C ALA D 148 44.21 -9.98 -9.02
N ALA D 149 43.32 -9.68 -10.00
CA ALA D 149 41.95 -9.29 -9.72
C ALA D 149 40.96 -10.20 -10.44
N LEU D 150 39.73 -10.22 -9.91
CA LEU D 150 38.64 -10.97 -10.53
C LEU D 150 37.32 -10.39 -10.01
N GLY D 151 36.20 -10.95 -10.45
CA GLY D 151 34.93 -10.48 -9.95
C GLY D 151 33.75 -11.11 -10.68
N CYS D 152 32.65 -10.38 -10.67
CA CYS D 152 31.38 -10.84 -11.20
C CYS D 152 30.72 -9.72 -11.99
N LEU D 153 30.03 -10.09 -13.06
CA LEU D 153 29.30 -9.17 -13.93
C LEU D 153 27.81 -9.45 -13.77
N VAL D 154 27.14 -8.65 -12.96
CA VAL D 154 25.69 -8.67 -12.86
C VAL D 154 25.14 -7.92 -14.06
N LYS D 155 24.35 -8.59 -14.84
CA LYS D 155 23.87 -7.95 -16.00
C LYS D 155 22.41 -8.19 -16.22
N ASP D 156 21.74 -7.17 -16.73
CA ASP D 156 20.33 -7.15 -17.07
C ASP D 156 19.38 -7.37 -15.91
N TYR D 157 18.99 -6.30 -15.26
CA TYR D 157 18.12 -6.39 -14.13
C TYR D 157 17.42 -5.10 -13.92
N PHE D 158 16.20 -5.15 -13.43
CA PHE D 158 15.44 -3.95 -13.20
C PHE D 158 14.34 -4.28 -12.24
N PRO D 159 14.11 -3.43 -11.23
CA PRO D 159 14.76 -2.13 -10.99
C PRO D 159 15.96 -2.34 -10.10
N GLU D 160 16.44 -1.30 -9.43
CA GLU D 160 17.54 -1.48 -8.51
C GLU D 160 17.00 -1.87 -7.15
N PRO D 161 17.85 -2.37 -6.25
CA PRO D 161 19.29 -2.57 -6.36
C PRO D 161 19.70 -4.02 -6.47
N VAL D 162 21.01 -4.24 -6.34
CA VAL D 162 21.58 -5.56 -6.06
C VAL D 162 22.56 -5.45 -4.90
N THR D 163 22.62 -6.51 -4.09
CA THR D 163 23.63 -6.65 -3.04
C THR D 163 24.66 -7.65 -3.53
N VAL D 164 25.89 -7.20 -3.73
CA VAL D 164 26.98 -8.07 -4.12
C VAL D 164 27.94 -8.16 -2.95
N SER D 165 28.07 -9.35 -2.37
CA SER D 165 29.03 -9.59 -1.32
C SER D 165 29.93 -10.74 -1.73
N TRP D 166 31.06 -10.87 -1.05
CA TRP D 166 32.10 -11.81 -1.48
C TRP D 166 32.35 -12.85 -0.40
N ASN D 167 32.16 -14.11 -0.77
CA ASN D 167 32.41 -15.26 0.09
C ASN D 167 31.76 -15.05 1.46
N SER D 168 30.46 -14.72 1.43
CA SER D 168 29.63 -14.56 2.61
C SER D 168 30.08 -13.39 3.49
N GLY D 169 30.80 -12.44 2.91
CA GLY D 169 31.20 -11.25 3.65
C GLY D 169 32.44 -11.40 4.50
N ALA D 170 33.18 -12.49 4.29
CA ALA D 170 34.44 -12.72 4.98
C ALA D 170 35.45 -11.86 4.23
N LEU D 171 35.45 -12.03 2.90
CA LEU D 171 36.32 -11.25 2.04
C LEU D 171 35.70 -9.86 1.90
N THR D 172 36.30 -8.85 2.56
CA THR D 172 35.80 -7.48 2.48
C THR D 172 36.81 -6.45 1.97
N SER D 173 38.10 -6.63 2.24
CA SER D 173 39.08 -5.63 1.86
C SER D 173 39.60 -5.91 0.46
N GLY D 174 39.63 -4.89 -0.37
CA GLY D 174 40.06 -5.07 -1.75
C GLY D 174 38.94 -5.27 -2.75
N VAL D 175 37.70 -4.97 -2.38
CA VAL D 175 36.54 -5.15 -3.24
C VAL D 175 36.05 -3.78 -3.68
N HIS D 176 35.57 -3.71 -4.90
CA HIS D 176 34.90 -2.53 -5.43
C HIS D 176 33.65 -2.99 -6.15
N THR D 177 32.50 -2.77 -5.52
CA THR D 177 31.22 -2.92 -6.18
C THR D 177 30.92 -1.60 -6.88
N PHE D 178 30.90 -1.62 -8.21
CA PHE D 178 30.70 -0.39 -8.95
C PHE D 178 29.26 0.10 -8.83
N PRO D 179 29.02 1.37 -9.12
CA PRO D 179 27.66 1.83 -9.31
C PRO D 179 27.03 1.22 -10.55
N ALA D 180 25.74 0.94 -10.44
CA ALA D 180 24.98 0.40 -11.55
C ALA D 180 24.84 1.45 -12.64
N VAL D 181 24.89 0.97 -13.87
CA VAL D 181 24.71 1.79 -15.06
C VAL D 181 23.45 1.35 -15.75
N LEU D 182 22.71 2.31 -16.28
CA LEU D 182 21.51 2.02 -17.06
C LEU D 182 21.90 1.85 -18.52
N GLN D 183 21.72 0.62 -19.04
CA GLN D 183 21.97 0.31 -20.44
C GLN D 183 20.86 0.87 -21.32
N SER D 184 21.15 0.95 -22.63
CA SER D 184 20.15 1.47 -23.56
C SER D 184 18.91 0.60 -23.63
N SER D 185 19.04 -0.69 -23.32
CA SER D 185 17.93 -1.61 -23.31
C SER D 185 16.87 -1.29 -22.25
N GLY D 186 17.16 -0.38 -21.32
CA GLY D 186 16.28 -0.13 -20.21
C GLY D 186 16.57 -0.95 -18.97
N LEU D 187 17.50 -1.88 -19.03
CA LEU D 187 17.97 -2.59 -17.85
C LEU D 187 19.32 -2.07 -17.38
N TYR D 188 19.65 -2.34 -16.14
CA TYR D 188 20.89 -1.90 -15.56
C TYR D 188 21.95 -3.01 -15.65
N SER D 189 23.20 -2.57 -15.53
CA SER D 189 24.34 -3.47 -15.46
C SER D 189 25.31 -2.97 -14.40
N LEU D 190 26.09 -3.90 -13.84
CA LEU D 190 26.98 -3.61 -12.73
C LEU D 190 28.08 -4.66 -12.72
N SER D 191 29.27 -4.26 -12.31
CA SER D 191 30.33 -5.24 -12.07
C SER D 191 30.85 -5.04 -10.65
N SER D 192 31.24 -6.13 -10.01
CA SER D 192 31.99 -5.99 -8.77
C SER D 192 33.29 -6.76 -8.88
N VAL D 193 34.38 -6.17 -8.38
CA VAL D 193 35.72 -6.71 -8.53
C VAL D 193 36.42 -6.80 -7.18
N VAL D 194 37.53 -7.54 -7.16
CA VAL D 194 38.30 -7.80 -5.96
C VAL D 194 39.74 -8.11 -6.36
N THR D 195 40.68 -7.76 -5.47
CA THR D 195 42.12 -7.98 -5.66
C THR D 195 42.63 -8.94 -4.59
N VAL D 196 43.44 -9.92 -5.00
CA VAL D 196 43.90 -10.99 -4.13
C VAL D 196 45.36 -11.33 -4.48
N PRO D 197 46.04 -12.02 -3.56
CA PRO D 197 47.43 -12.42 -3.84
C PRO D 197 47.52 -13.50 -4.91
N SER D 198 48.60 -13.45 -5.69
CA SER D 198 48.86 -14.49 -6.69
C SER D 198 49.08 -15.86 -6.04
N SER D 199 49.37 -15.91 -4.74
CA SER D 199 49.41 -17.17 -4.01
C SER D 199 48.02 -17.75 -3.88
N SER D 200 47.08 -16.92 -3.43
CA SER D 200 45.79 -17.40 -2.96
C SER D 200 45.00 -18.15 -4.02
N LEU D 201 45.16 -17.82 -5.30
CA LEU D 201 44.30 -18.49 -6.28
C LEU D 201 44.49 -20.00 -6.22
N GLY D 202 43.65 -20.69 -5.48
CA GLY D 202 43.78 -22.12 -5.29
C GLY D 202 43.99 -22.50 -3.85
N THR D 203 44.78 -21.67 -3.15
CA THR D 203 44.76 -21.72 -1.69
C THR D 203 43.33 -21.56 -1.18
N GLN D 204 42.65 -20.50 -1.61
CA GLN D 204 41.24 -20.25 -1.30
C GLN D 204 40.45 -20.17 -2.60
N THR D 205 39.15 -20.43 -2.54
CA THR D 205 38.23 -20.19 -3.65
C THR D 205 37.32 -19.01 -3.34
N TYR D 206 36.83 -18.35 -4.40
CA TYR D 206 36.08 -17.09 -4.36
C TYR D 206 34.78 -17.19 -5.15
N ILE D 207 33.67 -16.78 -4.54
CA ILE D 207 32.36 -16.83 -5.20
C ILE D 207 31.61 -15.58 -4.74
N CYS D 208 30.93 -14.88 -5.64
CA CYS D 208 30.11 -13.72 -5.24
C CYS D 208 28.69 -14.16 -4.91
N ASN D 209 28.15 -13.61 -3.83
CA ASN D 209 26.74 -13.76 -3.48
C ASN D 209 26.05 -12.48 -3.93
N VAL D 210 25.31 -12.59 -5.00
CA VAL D 210 24.50 -11.48 -5.45
C VAL D 210 23.07 -11.75 -5.03
N ASN D 211 22.36 -10.68 -4.69
CA ASN D 211 20.98 -10.76 -4.17
C ASN D 211 20.19 -9.61 -4.80
N HIS D 212 19.32 -9.94 -5.76
CA HIS D 212 18.35 -9.02 -6.35
C HIS D 212 17.02 -9.32 -5.67
N LYS D 213 16.75 -8.59 -4.60
CA LYS D 213 15.53 -8.82 -3.84
C LYS D 213 14.28 -8.78 -4.72
N PRO D 214 14.09 -7.80 -5.61
CA PRO D 214 12.79 -7.70 -6.30
C PRO D 214 12.39 -8.95 -7.11
N SER D 215 13.33 -9.68 -7.69
CA SER D 215 12.98 -10.95 -8.31
C SER D 215 13.28 -12.12 -7.40
N ASN D 216 13.46 -11.85 -6.10
CA ASN D 216 13.94 -12.83 -5.13
C ASN D 216 15.07 -13.70 -5.67
N THR D 217 15.87 -13.15 -6.60
CA THR D 217 17.05 -13.83 -7.15
C THR D 217 18.18 -13.76 -6.14
N LYS D 218 18.59 -14.91 -5.58
CA LYS D 218 19.82 -14.96 -4.77
C LYS D 218 20.76 -15.96 -5.43
N VAL D 219 21.85 -15.46 -5.98
CA VAL D 219 22.83 -16.22 -6.75
C VAL D 219 24.13 -16.28 -5.96
N ASP D 220 24.80 -17.41 -6.06
CA ASP D 220 26.19 -17.56 -5.68
C ASP D 220 26.93 -18.09 -6.89
N LYS D 221 27.83 -17.28 -7.44
CA LYS D 221 28.63 -17.67 -8.59
C LYS D 221 30.03 -18.00 -8.11
N LYS D 222 30.75 -18.84 -8.86
CA LYS D 222 32.11 -19.22 -8.46
C LYS D 222 33.08 -18.91 -9.58
N VAL D 223 34.14 -18.17 -9.23
CA VAL D 223 35.14 -17.69 -10.17
C VAL D 223 36.28 -18.67 -10.26
N GLU D 224 36.94 -18.68 -11.41
CA GLU D 224 37.89 -19.70 -11.78
C GLU D 224 38.59 -19.25 -13.06
N PRO D 225 39.80 -19.74 -13.33
CA PRO D 225 40.49 -19.35 -14.56
C PRO D 225 40.16 -20.26 -15.74
N ALA E 2 -19.65 -15.63 16.81
CA ALA E 2 -20.89 -16.18 16.25
C ALA E 2 -20.75 -16.54 14.76
N GLN E 3 -21.20 -17.74 14.41
CA GLN E 3 -21.24 -18.26 13.05
C GLN E 3 -22.66 -18.71 12.73
N LEU E 4 -22.97 -18.85 11.44
CA LEU E 4 -24.31 -19.28 11.07
C LEU E 4 -24.25 -20.20 9.86
N THR E 5 -25.01 -21.29 9.92
CA THR E 5 -24.92 -22.39 9.00
C THR E 5 -26.15 -22.46 8.10
N GLN E 6 -25.91 -22.72 6.82
CA GLN E 6 -26.91 -22.70 5.77
C GLN E 6 -27.15 -24.13 5.28
N SER E 7 -28.41 -24.45 4.97
CA SER E 7 -28.74 -25.74 4.39
C SER E 7 -29.82 -25.57 3.31
N PRO E 8 -29.74 -26.35 2.24
CA PRO E 8 -28.62 -27.25 1.95
C PRO E 8 -27.53 -26.51 1.14
N SER E 9 -26.29 -27.02 1.15
CA SER E 9 -25.20 -26.37 0.41
C SER E 9 -25.49 -26.29 -1.09
N SER E 10 -26.08 -27.34 -1.67
CA SER E 10 -26.44 -27.32 -3.09
C SER E 10 -27.80 -27.95 -3.26
N LEU E 11 -28.49 -27.59 -4.35
CA LEU E 11 -29.82 -28.13 -4.61
C LEU E 11 -30.25 -27.75 -6.02
N SER E 12 -31.00 -28.65 -6.66
CA SER E 12 -31.55 -28.49 -7.99
C SER E 12 -33.06 -28.69 -7.96
N ALA E 13 -33.78 -27.87 -8.73
CA ALA E 13 -35.23 -27.94 -8.80
C ALA E 13 -35.70 -27.41 -10.16
N SER E 14 -36.99 -27.56 -10.43
CA SER E 14 -37.51 -27.28 -11.76
C SER E 14 -38.24 -25.95 -11.81
N VAL E 15 -38.39 -25.43 -13.03
CA VAL E 15 -39.24 -24.27 -13.26
C VAL E 15 -40.61 -24.53 -12.65
N GLY E 16 -41.15 -23.52 -11.98
CA GLY E 16 -42.39 -23.63 -11.26
C GLY E 16 -42.26 -24.19 -9.85
N ASP E 17 -41.26 -25.03 -9.58
CA ASP E 17 -41.17 -25.66 -8.27
C ASP E 17 -40.84 -24.61 -7.20
N ARG E 18 -41.02 -25.00 -5.94
CA ARG E 18 -40.80 -24.12 -4.80
C ARG E 18 -39.68 -24.66 -3.94
N VAL E 19 -38.76 -23.78 -3.52
CA VAL E 19 -37.52 -24.18 -2.87
C VAL E 19 -37.40 -23.50 -1.51
N THR E 20 -36.86 -24.22 -0.54
CA THR E 20 -36.63 -23.67 0.80
C THR E 20 -35.16 -23.78 1.18
N ILE E 21 -34.60 -22.67 1.62
CA ILE E 21 -33.24 -22.59 2.12
C ILE E 21 -33.36 -22.21 3.58
N THR E 22 -32.57 -22.85 4.44
CA THR E 22 -32.63 -22.52 5.86
C THR E 22 -31.27 -22.00 6.30
N CYS E 23 -31.29 -20.82 6.91
CA CYS E 23 -30.17 -20.33 7.68
C CYS E 23 -30.43 -20.61 9.15
N GLN E 24 -29.35 -20.83 9.89
CA GLN E 24 -29.47 -21.17 11.30
C GLN E 24 -28.27 -20.60 12.04
N SER E 25 -28.54 -19.76 13.04
CA SER E 25 -27.50 -19.01 13.74
C SER E 25 -27.03 -19.72 15.01
N SER E 26 -25.71 -19.78 15.20
CA SER E 26 -25.20 -20.31 16.47
C SER E 26 -25.74 -19.52 17.64
N GLN E 27 -25.82 -18.20 17.51
CA GLN E 27 -26.20 -17.29 18.58
C GLN E 27 -27.32 -16.39 18.07
N SER E 28 -28.22 -16.00 18.98
CA SER E 28 -29.36 -15.16 18.61
C SER E 28 -28.91 -13.89 17.88
N VAL E 29 -29.68 -13.45 16.88
CA VAL E 29 -29.35 -12.21 16.19
C VAL E 29 -30.08 -11.04 16.85
N TYR E 30 -29.42 -9.89 16.86
CA TYR E 30 -29.93 -8.70 17.50
C TYR E 30 -31.38 -8.46 17.12
N ASN E 31 -32.21 -8.23 18.12
CA ASN E 31 -33.61 -7.88 17.92
C ASN E 31 -34.38 -9.02 17.27
N ASN E 32 -33.71 -10.14 17.02
CA ASN E 32 -34.28 -11.35 16.45
C ASN E 32 -34.69 -11.21 14.98
N ASN E 33 -34.47 -10.06 14.35
CA ASN E 33 -34.84 -9.92 12.95
C ASN E 33 -33.74 -9.30 12.09
N TYR E 34 -32.56 -9.03 12.64
CA TYR E 34 -31.44 -8.63 11.81
C TYR E 34 -30.88 -9.84 11.05
N LEU E 35 -31.63 -10.33 10.07
CA LEU E 35 -31.13 -11.34 9.13
C LEU E 35 -31.61 -11.00 7.72
N SER E 36 -30.68 -10.91 6.78
CA SER E 36 -31.02 -10.62 5.39
C SER E 36 -30.60 -11.76 4.45
N TRP E 37 -31.16 -11.70 3.25
CA TRP E 37 -30.92 -12.71 2.22
C TRP E 37 -30.55 -12.01 0.92
N PHE E 38 -29.52 -12.58 0.25
CA PHE E 38 -28.86 -12.01 -0.92
C PHE E 38 -28.74 -13.01 -2.07
N GLN E 39 -29.03 -12.51 -3.26
CA GLN E 39 -28.78 -13.20 -4.51
C GLN E 39 -27.42 -12.80 -5.06
N GLN E 40 -26.62 -13.78 -5.49
CA GLN E 40 -25.36 -13.51 -6.15
C GLN E 40 -25.30 -14.34 -7.43
N LYS E 41 -25.47 -13.65 -8.56
CA LYS E 41 -25.07 -14.22 -9.85
C LYS E 41 -23.54 -14.30 -9.93
N PRO E 42 -23.01 -15.23 -10.73
CA PRO E 42 -21.54 -15.33 -10.89
C PRO E 42 -20.97 -14.11 -11.62
N GLY E 43 -19.90 -13.56 -11.06
CA GLY E 43 -19.31 -12.36 -11.61
C GLY E 43 -20.16 -11.12 -11.42
N LYS E 44 -20.89 -11.04 -10.31
CA LYS E 44 -21.65 -9.86 -9.98
C LYS E 44 -21.54 -9.67 -8.46
N PRO E 45 -21.91 -8.49 -7.96
CA PRO E 45 -22.03 -8.33 -6.52
C PRO E 45 -23.35 -8.93 -6.04
N PRO E 46 -23.44 -9.29 -4.75
CA PRO E 46 -24.71 -9.79 -4.21
C PRO E 46 -25.83 -8.79 -4.39
N LYS E 47 -26.96 -9.28 -4.91
CA LYS E 47 -28.19 -8.51 -4.86
C LYS E 47 -28.92 -8.73 -3.53
N LEU E 48 -29.57 -7.68 -3.04
CA LEU E 48 -30.31 -7.79 -1.79
C LEU E 48 -31.75 -8.19 -2.09
N LEU E 49 -32.18 -9.30 -1.52
CA LEU E 49 -33.56 -9.76 -1.65
C LEU E 49 -34.41 -9.31 -0.45
N ILE E 50 -34.04 -9.76 0.75
CA ILE E 50 -34.98 -9.65 1.88
C ILE E 50 -34.26 -9.14 3.12
N TYR E 51 -34.77 -8.05 3.70
CA TYR E 51 -34.19 -7.49 4.93
C TYR E 51 -35.16 -7.65 6.10
N GLY E 52 -34.60 -7.69 7.31
CA GLY E 52 -35.41 -7.88 8.50
C GLY E 52 -36.10 -9.22 8.56
N ALA E 53 -35.47 -10.25 8.01
CA ALA E 53 -35.99 -11.63 8.03
C ALA E 53 -37.22 -11.82 7.17
N SER E 54 -37.96 -10.77 6.82
CA SER E 54 -39.20 -11.02 6.10
C SER E 54 -39.61 -9.92 5.12
N THR E 55 -39.10 -8.70 5.29
CA THR E 55 -39.45 -7.60 4.38
C THR E 55 -38.78 -7.79 3.02
N LEU E 56 -39.50 -7.40 1.98
CA LEU E 56 -39.05 -7.57 0.61
C LEU E 56 -38.61 -6.22 0.05
N THR E 57 -37.39 -6.18 -0.49
CA THR E 57 -36.87 -5.00 -1.17
C THR E 57 -37.75 -4.61 -2.32
N SER E 58 -38.06 -3.33 -2.43
CA SER E 58 -39.02 -2.91 -3.44
C SER E 58 -38.42 -3.14 -4.82
N GLY E 59 -39.24 -3.68 -5.73
CA GLY E 59 -38.78 -4.13 -7.03
C GLY E 59 -38.14 -5.50 -7.05
N VAL E 60 -37.75 -6.04 -5.92
CA VAL E 60 -37.44 -7.47 -5.88
C VAL E 60 -38.73 -8.25 -5.91
N PRO E 61 -38.84 -9.33 -6.70
CA PRO E 61 -40.15 -9.96 -6.93
C PRO E 61 -40.65 -10.78 -5.74
N SER E 62 -42.00 -10.85 -5.63
CA SER E 62 -42.68 -11.44 -4.48
C SER E 62 -42.48 -12.94 -4.34
N ARG E 63 -42.04 -13.63 -5.40
CA ARG E 63 -41.80 -15.06 -5.28
C ARG E 63 -40.73 -15.40 -4.24
N PHE E 64 -40.04 -14.39 -3.71
CA PHE E 64 -39.11 -14.53 -2.61
C PHE E 64 -39.80 -14.14 -1.30
N SER E 65 -39.60 -14.95 -0.26
CA SER E 65 -40.19 -14.62 1.03
C SER E 65 -39.28 -15.12 2.14
N GLY E 66 -39.15 -14.28 3.16
CA GLY E 66 -38.35 -14.61 4.34
C GLY E 66 -39.29 -14.86 5.50
N SER E 67 -39.02 -15.93 6.24
CA SER E 67 -39.73 -16.24 7.47
C SER E 67 -38.71 -16.73 8.50
N GLY E 68 -39.10 -16.69 9.76
CA GLY E 68 -38.24 -17.10 10.85
C GLY E 68 -37.98 -15.96 11.83
N SER E 69 -37.31 -16.33 12.90
CA SER E 69 -36.89 -15.35 13.91
C SER E 69 -35.89 -16.00 14.86
N GLY E 70 -35.42 -15.19 15.81
CA GLY E 70 -34.44 -15.61 16.79
C GLY E 70 -33.18 -16.19 16.21
N THR E 71 -33.18 -17.50 15.95
CA THR E 71 -32.01 -18.21 15.45
C THR E 71 -32.27 -19.06 14.21
N ASP E 72 -33.53 -19.25 13.79
CA ASP E 72 -33.82 -20.09 12.63
C ASP E 72 -34.59 -19.26 11.62
N PHE E 73 -34.10 -19.28 10.37
CA PHE E 73 -34.68 -18.48 9.30
C PHE E 73 -34.71 -19.32 8.05
N THR E 74 -35.69 -19.04 7.20
CA THR E 74 -35.77 -19.69 5.91
C THR E 74 -36.13 -18.65 4.87
N LEU E 75 -35.58 -18.85 3.68
CA LEU E 75 -35.99 -18.17 2.47
C LEU E 75 -36.72 -19.16 1.59
N THR E 76 -37.80 -18.71 1.00
CA THR E 76 -38.65 -19.54 0.15
C THR E 76 -38.77 -18.86 -1.20
N ILE E 77 -38.34 -19.55 -2.25
CA ILE E 77 -38.58 -19.13 -3.63
C ILE E 77 -39.80 -19.89 -4.12
N SER E 78 -40.79 -19.15 -4.61
CA SER E 78 -42.07 -19.80 -4.87
C SER E 78 -42.05 -20.45 -6.23
N SER E 79 -42.25 -19.68 -7.29
CA SER E 79 -42.38 -20.26 -8.61
C SER E 79 -41.03 -20.08 -9.30
N LEU E 80 -40.08 -20.96 -8.94
CA LEU E 80 -38.74 -20.95 -9.53
C LEU E 80 -38.75 -20.53 -10.99
N GLN E 81 -37.80 -19.67 -11.34
CA GLN E 81 -37.62 -19.17 -12.69
C GLN E 81 -36.30 -19.62 -13.28
N PRO E 82 -36.18 -19.62 -14.62
CA PRO E 82 -34.87 -19.92 -15.23
C PRO E 82 -33.81 -18.90 -14.86
N GLU E 83 -34.21 -17.65 -14.65
CA GLU E 83 -33.31 -16.58 -14.27
C GLU E 83 -33.12 -16.49 -12.76
N ASP E 84 -33.53 -17.51 -12.02
CA ASP E 84 -33.34 -17.56 -10.58
C ASP E 84 -32.17 -18.44 -10.18
N PHE E 85 -31.50 -19.05 -11.14
CA PHE E 85 -30.26 -19.76 -10.84
C PHE E 85 -29.25 -18.77 -10.27
N ALA E 86 -28.70 -19.09 -9.10
CA ALA E 86 -27.78 -18.18 -8.43
C ALA E 86 -27.30 -18.83 -7.14
N THR E 87 -26.34 -18.19 -6.52
CA THR E 87 -26.00 -18.64 -5.19
C THR E 87 -26.57 -17.66 -4.16
N TYR E 88 -27.02 -18.23 -3.04
CA TYR E 88 -27.94 -17.55 -2.15
C TYR E 88 -27.33 -17.55 -0.77
N TYR E 89 -27.18 -16.36 -0.20
CA TYR E 89 -26.46 -16.14 1.04
C TYR E 89 -27.37 -15.44 2.04
N CYS E 90 -27.12 -15.71 3.31
CA CYS E 90 -27.80 -15.04 4.41
C CYS E 90 -26.75 -14.31 5.23
N ALA E 91 -27.09 -13.11 5.65
CA ALA E 91 -26.25 -12.33 6.53
C ALA E 91 -27.04 -12.07 7.81
N GLY E 92 -26.35 -11.96 8.94
CA GLY E 92 -26.98 -11.64 10.20
C GLY E 92 -26.15 -10.68 11.02
N GLY E 93 -26.84 -9.93 11.87
CA GLY E 93 -26.20 -8.94 12.73
C GLY E 93 -26.17 -9.40 14.17
N TYR E 94 -25.18 -8.93 14.93
CA TYR E 94 -24.95 -9.45 16.27
C TYR E 94 -24.60 -8.33 17.23
N SER E 95 -24.52 -8.69 18.50
CA SER E 95 -23.98 -7.82 19.53
C SER E 95 -22.59 -8.33 19.91
N GLY E 96 -21.87 -7.51 20.65
CA GLY E 96 -20.49 -7.78 20.96
C GLY E 96 -19.54 -6.85 20.21
N SER E 97 -18.30 -6.95 20.58
CA SER E 97 -17.31 -6.13 20.05
C SER E 97 -16.48 -6.71 18.98
N SER E 98 -17.04 -7.70 18.31
CA SER E 98 -16.42 -8.42 17.22
C SER E 98 -17.48 -9.17 16.48
N ASP E 99 -17.29 -9.36 15.19
CA ASP E 99 -18.25 -10.04 14.32
C ASP E 99 -19.62 -9.50 14.40
N LYS E 100 -19.79 -8.27 13.99
CA LYS E 100 -21.06 -7.62 14.05
C LYS E 100 -21.95 -8.18 13.06
N TYR E 101 -21.42 -8.60 11.94
CA TYR E 101 -22.20 -9.21 10.89
C TYR E 101 -21.49 -10.44 10.41
N ALA E 102 -22.21 -11.35 9.81
CA ALA E 102 -21.65 -12.64 9.44
C ALA E 102 -22.53 -13.25 8.36
N PHE E 103 -21.88 -13.83 7.34
CA PHE E 103 -22.56 -14.46 6.22
C PHE E 103 -22.65 -15.96 6.41
N GLY E 104 -23.47 -16.58 5.58
CA GLY E 104 -23.62 -18.01 5.56
C GLY E 104 -22.79 -18.60 4.43
N GLY E 105 -22.83 -19.94 4.35
CA GLY E 105 -21.97 -20.63 3.42
C GLY E 105 -22.37 -20.49 1.98
N GLY E 106 -23.58 -20.03 1.71
CA GLY E 106 -24.11 -20.04 0.37
C GLY E 106 -24.87 -21.31 0.04
N THR E 107 -25.81 -21.16 -0.89
CA THR E 107 -26.56 -22.28 -1.45
C THR E 107 -26.65 -22.02 -2.95
N LYS E 108 -25.99 -22.87 -3.73
CA LYS E 108 -26.11 -22.79 -5.18
C LYS E 108 -27.41 -23.46 -5.58
N VAL E 109 -28.29 -22.73 -6.27
CA VAL E 109 -29.53 -23.30 -6.78
C VAL E 109 -29.38 -23.46 -8.29
N GLU E 110 -29.53 -24.71 -8.75
CA GLU E 110 -29.40 -25.05 -10.15
C GLU E 110 -30.75 -25.54 -10.66
N ILE E 111 -31.16 -25.03 -11.81
CA ILE E 111 -32.46 -25.36 -12.37
C ILE E 111 -32.41 -26.69 -13.13
N LYS E 112 -33.49 -27.47 -13.00
CA LYS E 112 -33.63 -28.75 -13.69
C LYS E 112 -34.28 -28.57 -15.05
N ARG E 113 -33.87 -29.39 -16.00
CA ARG E 113 -34.15 -29.12 -17.38
C ARG E 113 -34.46 -30.41 -18.10
N THR E 114 -35.42 -30.36 -19.02
CA THR E 114 -35.58 -31.42 -20.00
C THR E 114 -34.22 -31.68 -20.63
N VAL E 115 -33.79 -32.95 -20.58
CA VAL E 115 -32.46 -33.32 -21.07
C VAL E 115 -32.30 -32.83 -22.51
N ALA E 116 -31.13 -32.25 -22.81
CA ALA E 116 -30.87 -31.60 -24.09
C ALA E 116 -29.54 -32.08 -24.63
N ALA E 117 -29.38 -31.90 -26.00
CA ALA E 117 -28.33 -32.40 -26.88
C ALA E 117 -27.24 -31.36 -27.11
N PRO E 118 -25.98 -31.72 -26.86
CA PRO E 118 -24.87 -30.78 -27.13
C PRO E 118 -24.58 -30.63 -28.62
N SER E 119 -24.52 -29.39 -29.11
CA SER E 119 -24.01 -29.12 -30.45
C SER E 119 -22.48 -29.09 -30.40
N VAL E 120 -21.82 -30.10 -31.02
CA VAL E 120 -20.37 -30.31 -30.88
C VAL E 120 -19.63 -29.66 -32.04
N PHE E 121 -18.50 -29.03 -31.72
CA PHE E 121 -17.69 -28.29 -32.66
C PHE E 121 -16.22 -28.60 -32.43
N ILE E 122 -15.48 -28.83 -33.52
CA ILE E 122 -14.02 -28.98 -33.50
C ILE E 122 -13.41 -27.69 -34.03
N PHE E 123 -12.35 -27.22 -33.38
CA PHE E 123 -11.66 -26.03 -33.85
C PHE E 123 -10.17 -26.33 -33.93
N PRO E 124 -9.53 -26.10 -35.09
CA PRO E 124 -8.09 -26.38 -35.24
C PRO E 124 -7.28 -25.12 -34.99
N PRO E 125 -5.96 -25.22 -34.79
CA PRO E 125 -5.20 -24.04 -34.35
C PRO E 125 -5.00 -23.06 -35.49
N SER E 126 -4.48 -21.88 -35.11
CA SER E 126 -4.12 -20.85 -36.07
C SER E 126 -2.71 -21.08 -36.59
N ASP E 127 -2.40 -20.49 -37.75
CA ASP E 127 -1.02 -20.37 -38.21
C ASP E 127 -0.31 -19.24 -37.49
N GLU E 128 -0.89 -18.85 -36.36
CA GLU E 128 -0.39 -17.86 -35.42
C GLU E 128 0.30 -18.51 -34.23
N GLN E 129 -0.33 -19.54 -33.65
CA GLN E 129 0.27 -20.19 -32.49
C GLN E 129 1.32 -21.21 -32.90
N LEU E 130 1.15 -21.84 -34.08
CA LEU E 130 2.06 -22.89 -34.51
C LEU E 130 3.49 -22.41 -34.57
N LYS E 131 3.68 -21.14 -34.91
CA LYS E 131 5.03 -20.61 -35.00
C LYS E 131 5.63 -20.39 -33.59
N SER E 132 5.25 -21.24 -32.64
CA SER E 132 5.83 -21.31 -31.31
C SER E 132 5.50 -22.66 -30.66
N SER E 136 -2.25 -26.10 -30.73
CA SER E 136 -3.33 -26.22 -29.75
C SER E 136 -4.73 -26.18 -30.40
N VAL E 137 -5.53 -27.24 -30.23
CA VAL E 137 -6.85 -27.35 -30.85
C VAL E 137 -7.88 -27.68 -29.78
N VAL E 138 -9.12 -27.28 -30.03
CA VAL E 138 -10.12 -27.28 -28.96
C VAL E 138 -11.35 -28.07 -29.40
N CYS E 139 -11.96 -28.75 -28.42
CA CYS E 139 -13.27 -29.37 -28.62
C CYS E 139 -14.31 -28.66 -27.76
N LEU E 140 -15.44 -28.31 -28.37
CA LEU E 140 -16.46 -27.49 -27.73
C LEU E 140 -17.82 -28.13 -27.87
N LEU E 141 -18.47 -28.44 -26.74
CA LEU E 141 -19.87 -28.83 -26.67
C LEU E 141 -20.73 -27.63 -26.26
N ASN E 142 -21.77 -27.32 -27.04
CA ASN E 142 -22.52 -26.08 -26.88
C ASN E 142 -23.99 -26.36 -26.54
N ASN E 143 -24.47 -25.73 -25.46
CA ASN E 143 -25.89 -25.59 -25.14
C ASN E 143 -26.55 -26.95 -24.90
N PHE E 144 -26.18 -27.55 -23.76
CA PHE E 144 -26.61 -28.89 -23.40
C PHE E 144 -26.92 -28.98 -21.90
N TYR E 145 -27.63 -30.05 -21.54
CA TYR E 145 -28.00 -30.40 -20.18
C TYR E 145 -28.14 -31.92 -20.14
N PRO E 146 -27.79 -32.57 -19.01
CA PRO E 146 -27.16 -32.00 -17.81
C PRO E 146 -25.72 -31.57 -18.01
N ARG E 147 -25.10 -31.18 -16.90
CA ARG E 147 -23.79 -30.57 -16.97
C ARG E 147 -22.71 -31.59 -17.32
N GLU E 148 -22.91 -32.83 -16.89
CA GLU E 148 -21.85 -33.84 -16.90
C GLU E 148 -21.65 -34.39 -18.30
N ALA E 149 -20.39 -34.51 -18.69
CA ALA E 149 -20.04 -35.16 -19.95
C ALA E 149 -18.66 -35.76 -19.77
N LYS E 150 -18.29 -36.63 -20.70
CA LYS E 150 -16.98 -37.29 -20.70
C LYS E 150 -16.36 -37.09 -22.07
N VAL E 151 -15.18 -36.49 -22.11
CA VAL E 151 -14.50 -36.23 -23.38
C VAL E 151 -13.17 -36.96 -23.56
N GLN E 152 -13.03 -37.58 -24.73
CA GLN E 152 -11.82 -38.31 -25.09
C GLN E 152 -11.39 -37.80 -26.46
N TRP E 153 -10.15 -37.36 -26.59
CA TRP E 153 -9.69 -36.82 -27.85
C TRP E 153 -9.20 -37.93 -28.78
N LYS E 154 -9.01 -37.60 -30.06
CA LYS E 154 -8.09 -38.46 -30.80
C LYS E 154 -7.34 -37.69 -31.89
N VAL E 155 -6.04 -37.99 -31.98
CA VAL E 155 -5.17 -37.56 -33.07
C VAL E 155 -4.48 -38.80 -33.66
N ASP E 156 -4.60 -38.99 -34.97
CA ASP E 156 -4.17 -40.20 -35.70
C ASP E 156 -4.46 -41.48 -34.94
N ASN E 157 -5.69 -41.60 -34.44
CA ASN E 157 -6.17 -42.84 -33.82
C ASN E 157 -5.30 -43.24 -32.62
N ALA E 158 -5.15 -42.32 -31.66
CA ALA E 158 -4.59 -42.60 -30.35
C ALA E 158 -5.30 -41.70 -29.36
N LEU E 159 -5.84 -42.29 -28.32
CA LEU E 159 -6.27 -41.52 -27.18
C LEU E 159 -5.06 -41.27 -26.29
N GLN E 160 -5.19 -40.23 -25.45
CA GLN E 160 -4.10 -39.89 -24.53
C GLN E 160 -4.65 -39.16 -23.31
N SER E 161 -4.43 -39.70 -22.12
CA SER E 161 -4.82 -39.04 -20.87
C SER E 161 -3.73 -38.04 -20.47
N GLY E 162 -3.56 -37.02 -21.30
CA GLY E 162 -2.45 -36.08 -21.15
C GLY E 162 -2.82 -34.61 -21.13
N ASN E 163 -3.90 -34.26 -21.83
CA ASN E 163 -4.34 -32.86 -21.93
C ASN E 163 -5.50 -32.61 -20.97
N SER E 164 -5.19 -32.76 -19.68
CA SER E 164 -6.18 -32.79 -18.60
C SER E 164 -6.72 -31.41 -18.25
N GLN E 165 -7.34 -30.73 -19.21
CA GLN E 165 -7.97 -29.45 -18.91
C GLN E 165 -9.27 -29.29 -19.70
N GLU E 166 -10.36 -29.03 -18.96
CA GLU E 166 -11.65 -28.65 -19.49
C GLU E 166 -12.30 -27.65 -18.52
N SER E 167 -13.24 -26.88 -19.07
CA SER E 167 -13.95 -25.88 -18.28
C SER E 167 -15.34 -25.67 -18.86
N VAL E 168 -16.29 -25.40 -17.98
CA VAL E 168 -17.68 -25.30 -18.39
C VAL E 168 -18.30 -24.01 -17.84
N THR E 169 -19.13 -23.41 -18.69
CA THR E 169 -20.03 -22.29 -18.44
C THR E 169 -20.70 -22.31 -17.08
N GLU E 170 -21.47 -21.27 -16.81
CA GLU E 170 -22.44 -21.30 -15.73
C GLU E 170 -23.82 -21.21 -16.36
N GLN E 171 -24.74 -21.99 -15.81
CA GLN E 171 -26.09 -22.18 -16.32
C GLN E 171 -26.62 -20.89 -16.93
N ASP E 172 -27.05 -20.93 -18.17
CA ASP E 172 -27.58 -19.72 -18.81
C ASP E 172 -28.95 -19.36 -18.24
N SER E 173 -29.19 -18.06 -18.07
CA SER E 173 -30.38 -17.54 -17.42
C SER E 173 -31.67 -17.62 -18.25
N LYS E 174 -31.66 -18.27 -19.42
CA LYS E 174 -32.86 -18.30 -20.25
C LYS E 174 -33.19 -19.72 -20.71
N ASP E 175 -32.17 -20.57 -20.78
CA ASP E 175 -32.32 -21.94 -21.22
C ASP E 175 -31.85 -22.95 -20.19
N SER E 176 -31.11 -22.51 -19.16
CA SER E 176 -30.43 -23.40 -18.22
C SER E 176 -29.53 -24.44 -18.94
N THR E 177 -29.05 -24.08 -20.12
CA THR E 177 -28.11 -24.88 -20.91
C THR E 177 -26.67 -24.57 -20.54
N TYR E 178 -25.77 -25.39 -21.08
CA TYR E 178 -24.36 -25.26 -20.76
C TYR E 178 -23.45 -25.15 -21.97
N SER E 179 -22.16 -25.38 -21.76
CA SER E 179 -21.14 -25.34 -22.78
C SER E 179 -19.82 -25.77 -22.18
N LEU E 180 -19.32 -26.95 -22.54
CA LEU E 180 -18.02 -27.42 -22.09
C LEU E 180 -16.97 -27.18 -23.17
N SER E 181 -15.72 -26.99 -22.74
CA SER E 181 -14.58 -26.92 -23.64
C SER E 181 -13.46 -27.78 -23.07
N SER E 182 -12.84 -28.58 -23.94
CA SER E 182 -11.69 -29.39 -23.59
C SER E 182 -10.51 -29.00 -24.47
N THR E 183 -9.34 -28.94 -23.83
CA THR E 183 -8.09 -28.42 -24.43
C THR E 183 -7.23 -29.52 -25.06
N LEU E 184 -6.75 -29.26 -26.28
CA LEU E 184 -5.63 -30.02 -26.87
C LEU E 184 -4.50 -29.05 -27.19
N THR E 185 -3.54 -28.89 -26.27
CA THR E 185 -2.32 -28.08 -26.47
C THR E 185 -1.15 -28.90 -27.03
N SER E 187 2.36 -28.89 -26.31
CA SER E 187 3.71 -29.17 -26.79
C SER E 187 3.69 -29.53 -28.28
N LYS E 188 4.01 -28.53 -29.11
CA LYS E 188 3.90 -28.68 -30.55
C LYS E 188 4.82 -29.77 -31.09
N ALA E 189 5.87 -30.13 -30.33
CA ALA E 189 6.76 -31.22 -30.69
C ALA E 189 6.01 -32.43 -31.26
N ASP E 190 5.14 -33.03 -30.44
CA ASP E 190 4.40 -34.21 -30.87
C ASP E 190 3.33 -33.89 -31.90
N TYR E 191 2.85 -32.63 -31.93
CA TYR E 191 1.78 -32.27 -32.85
C TYR E 191 2.25 -32.29 -34.30
N GLU E 192 3.51 -31.91 -34.53
CA GLU E 192 3.97 -31.60 -35.89
C GLU E 192 3.65 -32.69 -36.90
N LYS E 193 3.90 -33.95 -36.55
CA LYS E 193 3.68 -35.03 -37.51
C LYS E 193 2.20 -35.33 -37.70
N HIS E 194 1.43 -35.37 -36.62
CA HIS E 194 0.09 -35.96 -36.63
C HIS E 194 -0.84 -35.21 -37.60
N LYS E 195 -1.85 -35.91 -38.17
CA LYS E 195 -2.65 -35.36 -39.27
C LYS E 195 -4.16 -35.31 -39.06
N VAL E 196 -4.80 -36.34 -38.50
CA VAL E 196 -6.26 -36.42 -38.43
C VAL E 196 -6.75 -36.22 -36.99
N TYR E 197 -7.64 -35.24 -36.81
CA TYR E 197 -8.07 -34.78 -35.49
C TYR E 197 -9.59 -34.93 -35.37
N ALA E 198 -10.05 -35.68 -34.37
CA ALA E 198 -11.49 -35.85 -34.24
C ALA E 198 -11.88 -36.03 -32.78
N CYS E 199 -13.15 -35.74 -32.55
CA CYS E 199 -13.70 -35.68 -31.21
C CYS E 199 -14.93 -36.58 -31.15
N GLU E 200 -15.22 -37.09 -29.95
CA GLU E 200 -16.40 -37.92 -29.75
C GLU E 200 -16.82 -37.85 -28.30
N VAL E 201 -18.09 -37.55 -28.05
CA VAL E 201 -18.51 -37.19 -26.70
C VAL E 201 -19.60 -38.13 -26.20
N THR E 202 -19.36 -38.74 -25.02
CA THR E 202 -20.32 -39.58 -24.31
C THR E 202 -21.17 -38.69 -23.42
N HIS E 203 -22.33 -38.29 -23.92
CA HIS E 203 -23.35 -37.60 -23.15
C HIS E 203 -24.56 -38.52 -23.00
N GLN E 204 -25.59 -38.01 -22.33
CA GLN E 204 -26.87 -38.70 -22.26
C GLN E 204 -27.87 -38.20 -23.29
N GLY E 205 -27.99 -36.89 -23.49
CA GLY E 205 -28.92 -36.37 -24.48
C GLY E 205 -28.67 -36.84 -25.90
N LEU E 206 -27.60 -37.60 -26.07
CA LEU E 206 -27.21 -38.18 -27.36
C LEU E 206 -27.05 -39.68 -27.22
N SER E 207 -27.59 -40.43 -28.19
CA SER E 207 -27.60 -41.89 -28.14
C SER E 207 -26.28 -42.60 -27.99
N SER E 208 -25.41 -42.43 -28.97
CA SER E 208 -24.10 -43.06 -28.95
C SER E 208 -23.01 -42.05 -29.29
N PRO E 209 -21.85 -42.16 -28.63
CA PRO E 209 -20.71 -41.26 -28.86
C PRO E 209 -20.37 -41.15 -30.34
N GLN F 2 -26.35 6.77 -6.03
CA GLN F 2 -25.63 6.03 -4.98
C GLN F 2 -24.75 4.98 -5.64
N GLN F 3 -23.43 5.15 -5.53
CA GLN F 3 -22.52 4.16 -6.08
C GLN F 3 -21.31 3.99 -5.20
N LEU F 4 -20.64 2.85 -5.38
CA LEU F 4 -19.43 2.47 -4.67
C LEU F 4 -18.53 1.79 -5.67
N VAL F 5 -17.37 2.37 -5.93
CA VAL F 5 -16.45 1.87 -6.95
C VAL F 5 -15.17 1.46 -6.25
N GLU F 6 -14.83 0.20 -6.30
CA GLU F 6 -13.59 -0.19 -5.65
C GLU F 6 -12.39 0.00 -6.56
N SER F 7 -11.23 0.19 -5.94
CA SER F 7 -9.98 0.33 -6.65
C SER F 7 -8.84 0.02 -5.69
N GLY F 8 -7.62 0.02 -6.23
CA GLY F 8 -6.45 -0.27 -5.44
C GLY F 8 -5.91 -1.67 -5.63
N GLY F 9 -6.60 -2.49 -6.41
CA GLY F 9 -6.35 -3.92 -6.45
C GLY F 9 -5.43 -4.39 -7.56
N GLY F 10 -4.75 -5.49 -7.28
CA GLY F 10 -3.95 -6.17 -8.29
C GLY F 10 -3.21 -7.32 -7.63
N LEU F 11 -2.02 -7.59 -8.15
CA LEU F 11 -1.16 -8.62 -7.58
C LEU F 11 -0.21 -7.96 -6.58
N VAL F 12 0.13 -8.71 -5.53
CA VAL F 12 0.95 -8.19 -4.44
C VAL F 12 1.80 -9.32 -3.89
N GLN F 13 2.98 -8.97 -3.43
CA GLN F 13 3.94 -9.98 -3.01
C GLN F 13 3.53 -10.60 -1.68
N PRO F 14 3.67 -11.92 -1.53
CA PRO F 14 3.39 -12.59 -0.26
C PRO F 14 4.07 -11.91 0.92
N GLY F 15 3.28 -11.52 1.92
CA GLY F 15 3.81 -10.83 3.09
C GLY F 15 3.77 -9.32 3.00
N GLY F 16 3.49 -8.76 1.83
CA GLY F 16 3.51 -7.33 1.67
C GLY F 16 2.37 -6.61 2.36
N SER F 17 1.89 -5.56 1.69
CA SER F 17 0.80 -4.76 2.20
C SER F 17 0.02 -4.25 1.00
N LEU F 18 -1.26 -3.99 1.21
CA LEU F 18 -2.06 -3.37 0.17
C LEU F 18 -3.09 -2.47 0.84
N ARG F 19 -3.47 -1.42 0.14
CA ARG F 19 -4.56 -0.55 0.58
C ARG F 19 -5.52 -0.37 -0.58
N LEU F 20 -6.78 -0.73 -0.35
CA LEU F 20 -7.82 -0.51 -1.35
C LEU F 20 -8.68 0.67 -0.93
N SER F 21 -9.38 1.21 -1.93
CA SER F 21 -10.19 2.40 -1.73
C SER F 21 -11.53 2.24 -2.44
N CYS F 22 -12.62 2.44 -1.68
CA CYS F 22 -13.98 2.52 -2.18
C CYS F 22 -14.34 3.98 -2.40
N ALA F 23 -14.79 4.31 -3.60
CA ALA F 23 -15.17 5.66 -3.99
C ALA F 23 -16.69 5.72 -3.94
N VAL F 24 -17.22 6.52 -3.01
CA VAL F 24 -18.64 6.58 -2.73
C VAL F 24 -19.20 7.86 -3.33
N SER F 25 -20.41 7.77 -3.89
CA SER F 25 -20.89 8.84 -4.75
C SER F 25 -22.23 9.40 -4.30
N GLY F 26 -23.29 8.62 -4.21
CA GLY F 26 -24.54 9.32 -4.04
C GLY F 26 -25.00 9.61 -2.63
N PHE F 27 -24.17 9.30 -1.64
CA PHE F 27 -24.57 9.40 -0.25
C PHE F 27 -23.42 9.98 0.52
N SER F 28 -23.69 10.41 1.75
CA SER F 28 -22.67 10.97 2.61
C SER F 28 -22.20 9.95 3.62
N LEU F 29 -20.88 9.90 3.81
CA LEU F 29 -20.34 8.89 4.70
C LEU F 29 -20.60 9.19 6.18
N SER F 30 -21.17 10.35 6.51
CA SER F 30 -21.57 10.66 7.88
C SER F 30 -23.02 10.30 8.16
N SER F 31 -23.68 9.63 7.22
CA SER F 31 -24.97 9.00 7.47
C SER F 31 -24.93 7.50 7.27
N TYR F 32 -24.06 6.98 6.42
CA TYR F 32 -24.05 5.56 6.08
C TYR F 32 -22.76 4.93 6.54
N THR F 33 -22.87 3.78 7.18
CA THR F 33 -21.74 2.89 7.38
C THR F 33 -21.32 2.30 6.05
N VAL F 34 -20.05 1.95 5.93
CA VAL F 34 -19.60 1.17 4.79
C VAL F 34 -18.87 -0.07 5.29
N ASN F 35 -19.17 -1.21 4.66
CA ASN F 35 -18.62 -2.50 5.03
C ASN F 35 -17.71 -3.02 3.94
N TRP F 36 -16.77 -3.85 4.34
CA TRP F 36 -15.88 -4.56 3.44
C TRP F 36 -16.13 -6.03 3.66
N VAL F 37 -16.55 -6.70 2.59
CA VAL F 37 -16.71 -8.14 2.57
C VAL F 37 -15.88 -8.66 1.39
N ARG F 38 -15.20 -9.79 1.57
CA ARG F 38 -14.40 -10.44 0.52
C ARG F 38 -14.93 -11.84 0.25
N GLN F 39 -14.58 -12.39 -0.91
CA GLN F 39 -14.89 -13.79 -1.17
C GLN F 39 -13.80 -14.38 -2.03
N ALA F 40 -13.24 -15.51 -1.57
CA ALA F 40 -12.23 -16.22 -2.32
C ALA F 40 -12.81 -16.74 -3.63
N PRO F 41 -11.97 -17.05 -4.61
CA PRO F 41 -12.51 -17.60 -5.87
C PRO F 41 -13.28 -18.89 -5.62
N GLY F 42 -14.54 -18.92 -6.04
CA GLY F 42 -15.37 -20.07 -5.79
C GLY F 42 -15.69 -20.34 -4.33
N LYS F 43 -15.55 -19.35 -3.45
CA LYS F 43 -15.94 -19.57 -2.08
C LYS F 43 -17.05 -18.60 -1.70
N GLY F 44 -17.49 -18.69 -0.44
CA GLY F 44 -18.55 -17.83 0.02
C GLY F 44 -18.07 -16.42 0.35
N LEU F 45 -19.04 -15.53 0.56
CA LEU F 45 -18.75 -14.21 1.08
C LEU F 45 -18.23 -14.30 2.52
N GLU F 46 -17.55 -13.23 2.94
CA GLU F 46 -16.95 -13.21 4.27
C GLU F 46 -16.85 -11.76 4.71
N TRP F 47 -17.57 -11.40 5.79
CA TRP F 47 -17.59 -10.04 6.33
C TRP F 47 -16.30 -9.79 7.07
N ILE F 48 -15.49 -8.87 6.54
CA ILE F 48 -14.24 -8.50 7.19
C ILE F 48 -14.43 -7.33 8.14
N GLY F 49 -15.34 -6.41 7.84
CA GLY F 49 -15.61 -5.39 8.84
C GLY F 49 -16.11 -4.11 8.22
N TYR F 50 -16.38 -3.12 9.09
CA TYR F 50 -16.99 -1.87 8.61
C TYR F 50 -16.42 -0.66 9.32
N ILE F 51 -16.68 0.50 8.71
CA ILE F 51 -16.44 1.82 9.27
C ILE F 51 -17.79 2.56 9.35
N SER F 52 -18.23 2.88 10.56
CA SER F 52 -19.62 3.26 10.76
C SER F 52 -19.83 4.75 10.46
N TYR F 53 -21.11 5.10 10.16
CA TYR F 53 -21.49 6.49 9.95
C TYR F 53 -20.89 7.42 11.00
N GLY F 54 -20.77 6.95 12.24
CA GLY F 54 -20.24 7.74 13.34
C GLY F 54 -18.75 7.63 13.52
N GLY F 55 -18.08 6.81 12.73
CA GLY F 55 -16.64 6.78 12.72
C GLY F 55 -16.02 5.64 13.48
N SER F 56 -16.79 4.62 13.83
CA SER F 56 -16.30 3.47 14.57
C SER F 56 -16.04 2.35 13.58
N ALA F 57 -14.91 1.65 13.76
CA ALA F 57 -14.52 0.51 12.94
C ALA F 57 -14.58 -0.76 13.76
N TYR F 58 -15.25 -1.76 13.22
CA TYR F 58 -15.25 -3.06 13.86
C TYR F 58 -14.88 -4.12 12.84
N TYR F 59 -14.28 -5.19 13.33
CA TYR F 59 -13.64 -6.21 12.50
C TYR F 59 -14.14 -7.59 12.88
N ALA F 60 -14.07 -8.51 11.91
CA ALA F 60 -14.31 -9.91 12.23
C ALA F 60 -13.24 -10.41 13.20
N SER F 61 -13.59 -11.48 13.95
CA SER F 61 -12.71 -11.97 15.01
C SER F 61 -11.43 -12.55 14.47
N TRP F 62 -11.47 -13.08 13.24
CA TRP F 62 -10.31 -13.66 12.59
C TRP F 62 -9.42 -12.62 11.90
N ALA F 63 -9.79 -11.34 11.89
CA ALA F 63 -8.93 -10.33 11.28
C ALA F 63 -7.64 -10.14 12.08
N ASN F 64 -7.73 -10.05 13.41
CA ASN F 64 -6.54 -10.01 14.25
C ASN F 64 -5.64 -8.84 13.91
N GLY F 65 -6.23 -7.67 13.73
CA GLY F 65 -5.43 -6.47 13.51
C GLY F 65 -4.67 -6.46 12.20
N ARG F 66 -4.96 -7.41 11.31
CA ARG F 66 -4.36 -7.41 9.98
C ARG F 66 -5.03 -6.39 9.06
N PHE F 67 -6.30 -6.06 9.34
CA PHE F 67 -7.07 -5.14 8.53
C PHE F 67 -7.43 -3.92 9.34
N THR F 68 -7.35 -2.76 8.70
CA THR F 68 -7.79 -1.51 9.30
C THR F 68 -8.67 -0.79 8.28
N ILE F 69 -9.86 -0.36 8.72
CA ILE F 69 -10.85 0.27 7.86
C ILE F 69 -10.92 1.74 8.27
N SER F 70 -11.01 2.62 7.28
CA SER F 70 -10.90 4.04 7.54
C SER F 70 -11.74 4.78 6.51
N LYS F 71 -11.96 6.07 6.76
CA LYS F 71 -12.78 6.83 5.82
C LYS F 71 -12.33 8.28 5.78
N ASP F 72 -12.70 8.97 4.69
CA ASP F 72 -12.49 10.41 4.50
C ASP F 72 -13.68 10.97 3.71
N SER F 73 -14.40 11.91 4.32
CA SER F 73 -15.62 12.41 3.70
C SER F 73 -15.36 13.53 2.72
N ALA F 74 -14.21 14.19 2.83
CA ALA F 74 -13.82 15.20 1.86
C ALA F 74 -13.32 14.53 0.59
N LYS F 75 -12.61 13.41 0.76
CA LYS F 75 -12.15 12.58 -0.34
C LYS F 75 -13.24 11.64 -0.86
N ASN F 76 -14.36 11.54 -0.16
CA ASN F 76 -15.47 10.65 -0.53
C ASN F 76 -15.03 9.19 -0.67
N SER F 77 -14.13 8.74 0.20
CA SER F 77 -13.68 7.37 0.04
C SER F 77 -13.53 6.69 1.39
N VAL F 78 -13.59 5.36 1.35
CA VAL F 78 -13.24 4.58 2.53
C VAL F 78 -12.17 3.59 2.11
N TYR F 79 -11.31 3.25 3.06
CA TYR F 79 -10.09 2.51 2.79
C TYR F 79 -10.08 1.22 3.58
N LEU F 80 -9.57 0.16 2.94
CA LEU F 80 -9.27 -1.09 3.62
C LEU F 80 -7.79 -1.33 3.49
N GLN F 81 -7.07 -1.22 4.61
CA GLN F 81 -5.62 -1.36 4.63
C GLN F 81 -5.30 -2.71 5.27
N MET F 82 -4.76 -3.62 4.48
CA MET F 82 -4.35 -4.93 4.96
C MET F 82 -2.84 -5.03 4.83
N ASN F 83 -2.20 -5.60 5.85
CA ASN F 83 -0.77 -5.87 5.79
C ASN F 83 -0.53 -7.35 6.03
N SER F 84 0.67 -7.80 5.66
CA SER F 84 1.10 -9.18 5.94
C SER F 84 0.22 -10.19 5.18
N LEU F 85 0.09 -9.95 3.87
CA LEU F 85 -0.81 -10.74 3.03
C LEU F 85 -0.29 -12.17 2.89
N ARG F 86 -1.03 -13.13 3.45
CA ARG F 86 -0.82 -14.55 3.22
C ARG F 86 -1.44 -14.95 1.89
N ALA F 87 -1.22 -16.20 1.48
CA ALA F 87 -1.84 -16.70 0.24
C ALA F 87 -3.36 -16.67 0.36
N GLU F 88 -3.89 -17.11 1.50
CA GLU F 88 -5.33 -17.15 1.76
C GLU F 88 -6.07 -15.95 1.20
N ASP F 89 -5.59 -14.75 1.51
CA ASP F 89 -6.31 -13.52 1.20
C ASP F 89 -6.39 -13.21 -0.31
N THR F 90 -6.10 -14.11 -1.24
CA THR F 90 -6.48 -13.93 -2.64
C THR F 90 -8.00 -13.99 -2.77
N ALA F 91 -8.63 -12.92 -3.27
CA ALA F 91 -10.08 -12.90 -3.32
C ALA F 91 -10.56 -11.65 -4.03
N VAL F 92 -11.85 -11.61 -4.32
CA VAL F 92 -12.48 -10.37 -4.74
C VAL F 92 -12.91 -9.62 -3.50
N TYR F 93 -12.78 -8.29 -3.51
CA TYR F 93 -13.19 -7.48 -2.38
C TYR F 93 -14.25 -6.49 -2.82
N PHE F 94 -15.36 -6.45 -2.08
CA PHE F 94 -16.42 -5.47 -2.28
C PHE F 94 -16.53 -4.60 -1.04
N CYS F 95 -16.83 -3.33 -1.26
CA CYS F 95 -17.39 -2.47 -0.23
C CYS F 95 -18.91 -2.43 -0.43
N ALA F 96 -19.66 -2.68 0.63
CA ALA F 96 -21.11 -2.64 0.58
C ALA F 96 -21.63 -1.60 1.56
N ARG F 97 -22.55 -0.76 1.10
CA ARG F 97 -23.09 0.22 2.02
C ARG F 97 -24.11 -0.45 2.96
N HIS F 98 -24.37 0.17 4.09
CA HIS F 98 -25.56 -0.19 4.85
C HIS F 98 -26.78 0.35 4.10
N MET F 99 -27.92 -0.33 4.26
CA MET F 99 -29.07 0.05 3.46
C MET F 99 -29.68 1.36 3.93
N GLN F 100 -29.66 1.60 5.24
CA GLN F 100 -30.39 2.67 5.90
C GLN F 100 -29.39 3.60 6.58
N VAL F 101 -29.80 4.85 6.83
CA VAL F 101 -28.89 5.74 7.57
C VAL F 101 -28.73 5.20 8.98
N GLY F 102 -27.66 5.62 9.64
CA GLY F 102 -27.40 5.17 10.99
C GLY F 102 -28.00 6.09 12.02
N GLY F 103 -28.16 5.55 13.23
CA GLY F 103 -28.66 6.35 14.35
C GLY F 103 -30.15 6.62 14.33
N ALA F 104 -30.86 6.05 13.36
CA ALA F 104 -32.31 6.15 13.27
C ALA F 104 -32.95 5.13 14.23
N PRO F 105 -34.15 5.45 14.72
CA PRO F 105 -34.85 4.55 15.65
C PRO F 105 -34.91 3.11 15.18
N THR F 106 -34.84 2.92 13.88
CA THR F 106 -34.89 1.60 13.27
C THR F 106 -33.63 1.41 12.45
N GLY F 107 -33.07 0.22 12.47
CA GLY F 107 -31.74 -0.03 11.92
C GLY F 107 -31.72 -0.43 10.46
N SER F 108 -30.68 -1.16 10.07
CA SER F 108 -30.57 -1.63 8.70
C SER F 108 -30.95 -3.08 8.54
N MET F 109 -31.08 -3.83 9.64
CA MET F 109 -31.53 -5.23 9.64
C MET F 109 -30.54 -6.15 8.96
N ALA F 110 -29.25 -5.92 9.18
CA ALA F 110 -28.18 -6.71 8.54
C ALA F 110 -28.24 -6.64 7.01
N ALA F 111 -28.86 -5.61 6.45
CA ALA F 111 -29.00 -5.43 5.01
C ALA F 111 -27.93 -4.51 4.45
N PHE F 112 -27.25 -4.95 3.37
CA PHE F 112 -26.25 -4.15 2.68
C PHE F 112 -26.75 -3.77 1.28
N ASP F 113 -26.64 -2.48 0.93
CA ASP F 113 -27.17 -1.95 -0.33
C ASP F 113 -26.77 -0.48 -0.45
N PRO F 114 -26.17 -0.04 -1.58
CA PRO F 114 -25.76 -0.80 -2.77
C PRO F 114 -24.46 -1.57 -2.56
N TRP F 115 -24.03 -2.36 -3.55
CA TRP F 115 -22.74 -3.03 -3.52
C TRP F 115 -21.78 -2.44 -4.57
N GLY F 116 -20.50 -2.72 -4.38
CA GLY F 116 -19.51 -2.35 -5.35
C GLY F 116 -19.24 -3.51 -6.29
N PRO F 117 -18.70 -3.19 -7.48
CA PRO F 117 -18.43 -4.26 -8.46
C PRO F 117 -17.45 -5.34 -7.99
N GLY F 118 -16.60 -5.08 -7.00
CA GLY F 118 -15.54 -6.01 -6.68
C GLY F 118 -14.21 -5.65 -7.34
N THR F 119 -13.11 -5.81 -6.62
CA THR F 119 -11.80 -5.74 -7.24
C THR F 119 -10.99 -6.96 -6.78
N LEU F 120 -10.38 -7.65 -7.75
CA LEU F 120 -9.61 -8.86 -7.45
C LEU F 120 -8.27 -8.49 -6.84
N VAL F 121 -7.83 -9.30 -5.88
CA VAL F 121 -6.53 -9.14 -5.25
C VAL F 121 -5.86 -10.50 -5.24
N THR F 122 -4.68 -10.58 -5.87
CA THR F 122 -3.96 -11.83 -6.04
C THR F 122 -2.70 -11.77 -5.19
N VAL F 123 -2.63 -12.60 -4.15
CA VAL F 123 -1.41 -12.70 -3.36
C VAL F 123 -0.61 -13.87 -3.93
N SER F 124 0.55 -13.57 -4.51
CA SER F 124 1.44 -14.60 -5.03
C SER F 124 2.77 -13.98 -5.37
N SER F 125 3.84 -14.78 -5.24
CA SER F 125 5.17 -14.39 -5.66
C SER F 125 5.13 -13.99 -7.14
N ALA F 126 5.07 -14.98 -8.02
CA ALA F 126 4.56 -14.82 -9.37
C ALA F 126 5.15 -13.66 -10.16
N SER F 127 4.47 -13.28 -11.25
CA SER F 127 5.07 -12.42 -12.25
C SER F 127 4.07 -12.12 -13.36
N THR F 128 3.70 -10.86 -13.52
CA THR F 128 2.68 -10.52 -14.49
C THR F 128 3.13 -10.87 -15.90
N LYS F 129 2.28 -11.59 -16.58
CA LYS F 129 2.48 -11.90 -17.97
C LYS F 129 1.32 -11.33 -18.77
N GLY F 130 1.09 -11.79 -19.96
CA GLY F 130 0.11 -11.20 -20.82
C GLY F 130 -0.34 -12.17 -21.87
N PRO F 131 -1.55 -12.02 -22.31
CA PRO F 131 -2.19 -13.07 -23.08
C PRO F 131 -1.90 -13.01 -24.56
N SER F 132 -1.51 -14.14 -25.11
CA SER F 132 -1.50 -14.32 -26.55
C SER F 132 -2.92 -14.69 -26.99
N VAL F 133 -3.24 -14.39 -28.25
CA VAL F 133 -4.62 -14.51 -28.71
C VAL F 133 -4.69 -15.14 -30.09
N PHE F 134 -5.03 -16.44 -30.13
CA PHE F 134 -5.10 -17.16 -31.40
C PHE F 134 -6.53 -17.49 -31.75
N PRO F 135 -6.96 -17.31 -32.99
CA PRO F 135 -8.36 -17.54 -33.35
C PRO F 135 -8.68 -19.03 -33.46
N LEU F 136 -9.98 -19.31 -33.51
CA LEU F 136 -10.53 -20.66 -33.73
C LEU F 136 -11.63 -20.49 -34.76
N ALA F 137 -11.35 -20.87 -36.01
CA ALA F 137 -12.21 -20.49 -37.12
C ALA F 137 -13.15 -21.63 -37.50
N PRO F 138 -14.28 -21.32 -38.15
CA PRO F 138 -15.30 -22.28 -38.62
C PRO F 138 -14.76 -23.41 -39.51
N THR F 147 -26.24 -22.90 -39.56
CA THR F 147 -25.71 -22.03 -38.51
C THR F 147 -24.41 -22.64 -37.96
N ALA F 148 -23.37 -21.81 -37.82
CA ALA F 148 -22.05 -22.29 -37.42
C ALA F 148 -21.46 -21.34 -36.37
N ALA F 149 -20.31 -21.71 -35.80
CA ALA F 149 -19.77 -21.00 -34.66
C ALA F 149 -18.25 -20.90 -34.77
N LEU F 150 -17.69 -19.87 -34.11
CA LEU F 150 -16.25 -19.63 -34.11
C LEU F 150 -15.80 -19.24 -32.70
N GLY F 151 -14.50 -19.02 -32.51
CA GLY F 151 -14.00 -18.69 -31.20
C GLY F 151 -12.61 -18.09 -31.21
N CYS F 152 -12.29 -17.36 -30.14
CA CYS F 152 -10.95 -16.87 -29.79
C CYS F 152 -10.41 -17.67 -28.60
N LEU F 153 -9.09 -17.90 -28.59
CA LEU F 153 -8.42 -18.55 -27.47
C LEU F 153 -7.35 -17.61 -26.91
N VAL F 154 -7.46 -17.33 -25.61
CA VAL F 154 -6.61 -16.40 -24.89
C VAL F 154 -5.70 -17.23 -23.99
N LYS F 155 -4.42 -17.33 -24.35
CA LYS F 155 -3.53 -18.31 -23.74
C LYS F 155 -2.35 -17.63 -23.05
N ASP F 156 -1.97 -18.20 -21.90
CA ASP F 156 -0.75 -17.87 -21.17
C ASP F 156 -0.71 -16.39 -20.78
N TYR F 157 -1.31 -16.09 -19.62
CA TYR F 157 -1.28 -14.78 -19.02
C TYR F 157 -1.29 -14.96 -17.51
N PHE F 158 -1.12 -13.86 -16.79
CA PHE F 158 -1.24 -13.84 -15.33
C PHE F 158 -1.22 -12.39 -14.85
N PRO F 159 -1.93 -12.04 -13.76
CA PRO F 159 -2.89 -12.86 -13.00
C PRO F 159 -4.32 -12.69 -13.54
N GLU F 160 -5.31 -13.17 -12.79
CA GLU F 160 -6.68 -12.97 -13.20
C GLU F 160 -7.06 -11.51 -13.00
N PRO F 161 -8.12 -11.03 -13.66
CA PRO F 161 -8.95 -11.65 -14.70
C PRO F 161 -8.70 -11.03 -16.08
N VAL F 162 -9.51 -11.38 -17.07
CA VAL F 162 -9.34 -10.85 -18.41
C VAL F 162 -10.71 -10.77 -19.07
N THR F 163 -11.02 -9.60 -19.62
CA THR F 163 -12.24 -9.41 -20.39
C THR F 163 -12.10 -10.02 -21.78
N VAL F 164 -13.25 -10.34 -22.39
CA VAL F 164 -13.36 -10.61 -23.83
C VAL F 164 -14.71 -10.09 -24.31
N SER F 165 -14.70 -9.11 -25.23
CA SER F 165 -15.88 -8.72 -26.00
C SER F 165 -15.78 -9.31 -27.41
N TRP F 166 -16.84 -9.13 -28.19
CA TRP F 166 -16.89 -9.68 -29.54
C TRP F 166 -17.52 -8.66 -30.47
N ASN F 167 -16.76 -8.20 -31.46
CA ASN F 167 -17.09 -7.02 -32.27
C ASN F 167 -17.56 -5.87 -31.38
N SER F 168 -16.55 -5.19 -30.79
CA SER F 168 -16.75 -3.95 -30.06
C SER F 168 -17.84 -4.10 -29.00
N GLY F 169 -17.94 -5.32 -28.45
CA GLY F 169 -19.05 -5.74 -27.61
C GLY F 169 -20.43 -5.62 -28.24
N ALA F 170 -20.53 -5.38 -29.53
CA ALA F 170 -21.80 -5.17 -30.21
C ALA F 170 -22.52 -6.46 -30.53
N LEU F 171 -21.88 -7.61 -30.36
CA LEU F 171 -22.57 -8.87 -30.55
C LEU F 171 -22.68 -9.58 -29.21
N THR F 172 -23.91 -9.85 -28.79
CA THR F 172 -24.21 -10.47 -27.51
C THR F 172 -25.19 -11.63 -27.70
N SER F 173 -24.80 -12.59 -28.51
CA SER F 173 -25.59 -13.80 -28.67
C SER F 173 -24.64 -14.92 -29.04
N GLY F 174 -24.75 -16.03 -28.32
CA GLY F 174 -23.85 -17.14 -28.52
C GLY F 174 -22.52 -17.00 -27.82
N VAL F 175 -22.16 -15.80 -27.36
CA VAL F 175 -20.93 -15.63 -26.59
C VAL F 175 -20.99 -16.50 -25.35
N HIS F 176 -19.96 -17.30 -25.14
CA HIS F 176 -19.78 -17.98 -23.85
C HIS F 176 -18.31 -17.86 -23.52
N THR F 177 -17.95 -16.81 -22.78
CA THR F 177 -16.59 -16.71 -22.29
C THR F 177 -16.40 -17.71 -21.16
N PHE F 178 -15.53 -18.67 -21.37
CA PHE F 178 -15.36 -19.74 -20.42
C PHE F 178 -14.65 -19.27 -19.16
N PRO F 179 -14.84 -19.98 -18.04
CA PRO F 179 -13.98 -19.77 -16.87
C PRO F 179 -12.51 -19.89 -17.26
N ALA F 180 -11.67 -19.13 -16.60
CA ALA F 180 -10.26 -19.27 -16.82
C ALA F 180 -9.75 -20.54 -16.14
N VAL F 181 -8.74 -21.16 -16.73
CA VAL F 181 -8.15 -22.39 -16.20
C VAL F 181 -6.65 -22.20 -16.01
N LEU F 182 -6.13 -22.74 -14.91
CA LEU F 182 -4.72 -22.58 -14.54
C LEU F 182 -3.91 -23.74 -15.09
N GLN F 183 -3.15 -23.47 -16.16
CA GLN F 183 -2.37 -24.47 -16.85
C GLN F 183 -1.30 -25.07 -15.93
N SER F 184 -0.61 -26.09 -16.45
CA SER F 184 0.42 -26.76 -15.65
C SER F 184 1.62 -25.83 -15.40
N SER F 185 1.92 -24.96 -16.37
CA SER F 185 2.97 -23.97 -16.21
C SER F 185 2.76 -23.16 -14.93
N GLY F 186 1.68 -22.39 -14.90
CA GLY F 186 1.38 -21.56 -13.75
C GLY F 186 0.62 -20.35 -14.23
N LEU F 187 0.19 -20.40 -15.48
CA LEU F 187 -0.47 -19.28 -16.11
C LEU F 187 -1.97 -19.56 -16.20
N TYR F 188 -2.65 -18.90 -17.13
CA TYR F 188 -4.08 -19.06 -17.27
C TYR F 188 -4.46 -19.00 -18.74
N SER F 189 -5.63 -19.52 -19.04
CA SER F 189 -6.08 -19.51 -20.41
C SER F 189 -7.59 -19.68 -20.43
N LEU F 190 -8.21 -19.23 -21.52
CA LEU F 190 -9.65 -19.34 -21.64
C LEU F 190 -10.03 -19.26 -23.10
N SER F 191 -11.30 -19.51 -23.39
CA SER F 191 -11.77 -19.42 -24.76
C SER F 191 -13.14 -18.74 -24.75
N SER F 192 -13.50 -18.14 -25.86
CA SER F 192 -14.83 -17.57 -25.97
C SER F 192 -15.32 -17.77 -27.39
N VAL F 193 -16.51 -18.36 -27.52
CA VAL F 193 -17.03 -18.76 -28.82
C VAL F 193 -18.41 -18.16 -29.03
N VAL F 194 -18.78 -18.07 -30.30
CA VAL F 194 -19.99 -17.37 -30.72
C VAL F 194 -20.63 -18.17 -31.85
N THR F 195 -21.91 -18.52 -31.66
CA THR F 195 -22.75 -19.04 -32.72
C THR F 195 -23.32 -17.88 -33.54
N VAL F 196 -23.53 -18.14 -34.83
CA VAL F 196 -23.75 -17.11 -35.84
C VAL F 196 -24.31 -17.76 -37.10
N PRO F 197 -25.18 -17.09 -37.88
CA PRO F 197 -25.76 -17.73 -39.07
C PRO F 197 -24.74 -18.37 -39.99
N SER F 198 -25.10 -19.53 -40.57
CA SER F 198 -24.19 -20.26 -41.46
C SER F 198 -23.75 -19.43 -42.64
N SER F 199 -24.55 -18.44 -43.02
CA SER F 199 -24.25 -17.54 -44.12
C SER F 199 -23.70 -16.22 -43.57
N SER F 200 -23.38 -15.32 -44.50
CA SER F 200 -23.00 -13.94 -44.23
C SER F 200 -21.74 -13.81 -43.37
N LEU F 201 -20.99 -14.89 -43.16
CA LEU F 201 -19.66 -14.75 -42.59
C LEU F 201 -18.70 -14.28 -43.69
N GLY F 202 -18.12 -13.11 -43.49
CA GLY F 202 -17.43 -12.44 -44.58
C GLY F 202 -18.15 -11.16 -44.96
N THR F 203 -19.49 -11.18 -44.97
CA THR F 203 -20.23 -9.93 -45.10
C THR F 203 -20.18 -9.11 -43.82
N GLN F 204 -20.29 -9.78 -42.68
CA GLN F 204 -20.01 -9.18 -41.39
C GLN F 204 -18.61 -9.59 -40.92
N THR F 205 -18.04 -8.71 -40.11
CA THR F 205 -16.67 -8.81 -39.63
C THR F 205 -16.63 -9.33 -38.19
N TYR F 206 -16.47 -10.64 -38.01
CA TYR F 206 -16.55 -11.24 -36.68
C TYR F 206 -15.20 -11.12 -35.98
N ILE F 207 -15.14 -10.25 -34.98
CA ILE F 207 -13.91 -9.81 -34.32
C ILE F 207 -14.07 -9.93 -32.81
N CYS F 208 -13.03 -10.40 -32.12
CA CYS F 208 -13.02 -10.44 -30.66
C CYS F 208 -11.97 -9.48 -30.13
N ASN F 209 -12.27 -8.84 -29.01
CA ASN F 209 -11.43 -7.79 -28.43
C ASN F 209 -11.06 -8.19 -26.99
N VAL F 210 -10.22 -9.24 -26.84
CA VAL F 210 -9.65 -9.59 -25.53
C VAL F 210 -9.06 -8.33 -24.92
N ASN F 211 -8.94 -8.29 -23.60
CA ASN F 211 -8.40 -7.11 -22.92
C ASN F 211 -7.98 -7.56 -21.53
N HIS F 212 -6.69 -7.79 -21.35
CA HIS F 212 -6.11 -8.05 -20.04
C HIS F 212 -5.76 -6.73 -19.39
N LYS F 213 -5.78 -6.69 -18.07
CA LYS F 213 -5.57 -5.36 -17.52
C LYS F 213 -4.29 -5.29 -16.68
N PRO F 214 -3.98 -6.29 -15.83
CA PRO F 214 -2.74 -6.21 -15.06
C PRO F 214 -1.46 -6.13 -15.88
N SER F 215 -1.57 -6.14 -17.22
CA SER F 215 -0.44 -5.90 -18.12
C SER F 215 -0.73 -4.83 -19.17
N ASN F 216 -1.92 -4.21 -19.15
CA ASN F 216 -2.37 -3.19 -20.11
C ASN F 216 -2.20 -3.68 -21.55
N THR F 217 -2.85 -4.81 -21.82
CA THR F 217 -2.96 -5.43 -23.14
C THR F 217 -4.35 -5.17 -23.69
N LYS F 218 -4.47 -5.01 -25.02
CA LYS F 218 -5.77 -4.74 -25.66
C LYS F 218 -5.76 -5.24 -27.10
N VAL F 219 -5.72 -6.57 -27.27
CA VAL F 219 -5.71 -7.21 -28.57
C VAL F 219 -7.09 -7.19 -29.21
N ASP F 220 -7.14 -7.02 -30.54
CA ASP F 220 -8.40 -7.08 -31.30
C ASP F 220 -8.20 -8.05 -32.47
N LYS F 221 -8.45 -9.34 -32.22
CA LYS F 221 -8.00 -10.41 -33.10
C LYS F 221 -9.11 -10.68 -34.12
N LYS F 222 -8.86 -10.25 -35.36
CA LYS F 222 -9.71 -10.57 -36.51
C LYS F 222 -9.89 -12.08 -36.68
N VAL F 223 -11.13 -12.53 -36.86
CA VAL F 223 -11.41 -13.95 -37.08
C VAL F 223 -12.30 -14.13 -38.29
N GLU F 224 -11.80 -14.87 -39.28
CA GLU F 224 -12.48 -15.14 -40.53
C GLU F 224 -12.09 -16.54 -40.97
N PRO F 225 -12.80 -17.09 -41.97
CA PRO F 225 -12.38 -18.31 -42.68
C PRO F 225 -11.20 -18.06 -43.62
#